data_6K28
#
_entry.id   6K28
#
_cell.length_a   50.894
_cell.length_b   109.330
_cell.length_c   124.631
_cell.angle_alpha   90.00
_cell.angle_beta   90.00
_cell.angle_gamma   90.00
#
_symmetry.space_group_name_H-M   'P 21 21 21'
#
loop_
_entity.id
_entity.type
_entity.pdbx_description
1 polymer 'Hydroxyethylthiazole kinase'
2 non-polymer 2-(4-METHYL-THIAZOL-5-YL)-ETHANOL
3 non-polymer 'MAGNESIUM ION'
4 water water
#
_entity_poly.entity_id   1
_entity_poly.type   'polypeptide(L)'
_entity_poly.pdbx_seq_one_letter_code
;MPELLNPAPVAHLRHLLRAHSPLVHCMTNDVVQTFTANVLLAVGASPAMVIDPREAAQFAAIADALLINVGTLTEDRAVA
MRAAVEHARQAGKPWTLDPVAVGALTVRTAFCHELLALQPAAIRGNASEILALAGMSAGGRGVDTTDTAAAALPAAQALA
RRLATVVAVTGEVDYVTDGERVLSVAGGNPLMTRVVGTGCALSAVVAASAALPGDRLENVAAACGLMKQAGEIAARQGGP
GSFIPAFLDALYQEVQG
;
_entity_poly.pdbx_strand_id   A,B,C
#
# COMPACT_ATOMS: atom_id res chain seq x y z
N PRO A 9 8.88 17.96 -26.39
CA PRO A 9 9.57 16.70 -26.10
C PRO A 9 8.85 15.92 -25.01
N VAL A 10 8.06 16.61 -24.20
CA VAL A 10 7.14 15.96 -23.25
C VAL A 10 6.01 15.28 -24.02
N ALA A 11 5.48 15.98 -25.02
CA ALA A 11 4.47 15.38 -25.87
C ALA A 11 5.02 14.16 -26.57
N HIS A 12 6.27 14.26 -27.01
CA HIS A 12 6.88 13.15 -27.72
C HIS A 12 7.05 11.94 -26.77
N LEU A 13 7.55 12.20 -25.57
CA LEU A 13 7.71 11.13 -24.58
C LEU A 13 6.37 10.44 -24.27
N ARG A 14 5.32 11.23 -24.11
CA ARG A 14 4.00 10.66 -23.84
C ARG A 14 3.60 9.71 -24.94
N HIS A 15 3.80 10.18 -26.19
CA HIS A 15 3.50 9.32 -27.32
C HIS A 15 4.33 8.05 -27.27
N LEU A 16 5.61 8.19 -26.95
CA LEU A 16 6.47 7.00 -26.93
C LEU A 16 6.06 5.99 -25.85
N LEU A 17 5.73 6.51 -24.68
CA LEU A 17 5.27 5.66 -23.57
C LEU A 17 4.01 4.90 -23.96
N ARG A 18 3.09 5.58 -24.61
CA ARG A 18 1.90 4.88 -25.13
C ARG A 18 2.19 3.86 -26.22
N ALA A 19 3.04 4.22 -27.18
CA ALA A 19 3.30 3.33 -28.32
C ALA A 19 4.15 2.13 -27.98
N HIS A 20 5.09 2.30 -27.05
CA HIS A 20 6.02 1.22 -26.72
C HIS A 20 5.55 0.39 -25.52
N SER A 21 4.66 0.98 -24.72
CA SER A 21 4.12 0.35 -23.53
C SER A 21 5.15 -0.46 -22.76
N PRO A 22 6.23 0.17 -22.31
CA PRO A 22 7.31 -0.57 -21.64
C PRO A 22 6.83 -1.31 -20.37
N LEU A 23 7.28 -2.56 -20.27
CA LEU A 23 7.01 -3.39 -19.08
C LEU A 23 8.11 -3.12 -18.06
N VAL A 24 7.70 -2.59 -16.91
CA VAL A 24 8.65 -2.09 -15.92
C VAL A 24 8.57 -2.95 -14.69
N HIS A 25 9.69 -3.63 -14.40
CA HIS A 25 9.84 -4.40 -13.19
C HIS A 25 10.10 -3.41 -12.04
N CYS A 26 9.13 -3.24 -11.15
CA CYS A 26 9.27 -2.34 -10.03
C CYS A 26 9.60 -3.05 -8.73
N MET A 27 10.78 -2.77 -8.17
CA MET A 27 11.13 -3.22 -6.84
C MET A 27 11.28 -1.94 -6.05
N THR A 28 10.16 -1.47 -5.52
CA THR A 28 10.10 -0.22 -4.84
C THR A 28 9.55 -0.37 -3.44
N ASN A 29 9.41 0.74 -2.72
CA ASN A 29 9.12 0.68 -1.30
C ASN A 29 7.67 0.49 -1.01
N ASP A 30 7.41 0.05 0.23
CA ASP A 30 6.07 -0.31 0.69
C ASP A 30 5.07 0.83 0.69
N VAL A 31 5.54 2.07 0.71
CA VAL A 31 4.65 3.22 0.90
C VAL A 31 4.08 3.69 -0.45
N VAL A 32 4.76 3.35 -1.55
CA VAL A 32 4.43 3.92 -2.85
C VAL A 32 4.11 2.89 -3.93
N GLN A 33 3.97 1.62 -3.56
CA GLN A 33 3.63 0.57 -4.54
C GLN A 33 2.43 0.88 -5.46
N THR A 34 1.29 1.16 -4.83
CA THR A 34 0.06 1.30 -5.57
C THR A 34 0.12 2.51 -6.51
N PHE A 35 0.59 3.62 -5.95
CA PHE A 35 0.71 4.87 -6.69
C PHE A 35 1.65 4.69 -7.86
N THR A 36 2.82 4.12 -7.62
CA THR A 36 3.72 3.77 -8.73
C THR A 36 3.06 2.94 -9.83
N ALA A 37 2.34 1.88 -9.45
CA ALA A 37 1.70 1.09 -10.49
C ALA A 37 0.65 1.94 -11.25
N ASN A 38 -0.16 2.71 -10.53
CA ASN A 38 -1.16 3.53 -11.21
C ASN A 38 -0.57 4.62 -12.07
N VAL A 39 0.55 5.18 -11.66
CA VAL A 39 1.21 6.16 -12.51
C VAL A 39 1.69 5.50 -13.81
N LEU A 40 2.32 4.35 -13.71
CA LEU A 40 2.80 3.71 -14.91
C LEU A 40 1.66 3.29 -15.83
N LEU A 41 0.57 2.79 -15.25
CA LEU A 41 -0.58 2.45 -16.07
C LEU A 41 -1.16 3.70 -16.73
N ALA A 42 -1.21 4.79 -15.99
CA ALA A 42 -1.80 6.04 -16.53
C ALA A 42 -1.03 6.54 -17.78
N VAL A 43 0.28 6.40 -17.80
CA VAL A 43 1.06 6.90 -18.94
C VAL A 43 1.10 5.90 -20.06
N GLY A 44 0.51 4.72 -19.86
CA GLY A 44 0.50 3.73 -20.92
C GLY A 44 1.51 2.60 -20.75
N ALA A 45 2.31 2.62 -19.69
CA ALA A 45 3.28 1.54 -19.44
C ALA A 45 2.61 0.34 -18.70
N SER A 46 3.38 -0.72 -18.40
CA SER A 46 2.86 -1.87 -17.64
C SER A 46 3.76 -2.16 -16.43
N PRO A 47 3.23 -1.95 -15.21
CA PRO A 47 4.01 -2.24 -14.03
C PRO A 47 3.99 -3.72 -13.66
N ALA A 48 5.03 -4.17 -13.01
CA ALA A 48 5.08 -5.50 -12.50
C ALA A 48 5.94 -5.50 -11.28
N MET A 49 5.34 -5.86 -10.15
CA MET A 49 6.04 -5.91 -8.87
C MET A 49 6.37 -7.37 -8.57
N VAL A 50 7.63 -7.70 -8.67
CA VAL A 50 8.07 -9.09 -8.50
C VAL A 50 9.23 -9.05 -7.53
N ILE A 51 9.10 -9.76 -6.41
CA ILE A 51 10.04 -9.56 -5.31
C ILE A 51 10.73 -10.80 -4.74
N ASP A 52 10.24 -12.00 -5.04
CA ASP A 52 11.00 -13.21 -4.69
C ASP A 52 12.34 -13.19 -5.47
N PRO A 53 13.47 -13.57 -4.83
CA PRO A 53 14.76 -13.48 -5.54
C PRO A 53 14.83 -14.32 -6.83
N ARG A 54 14.18 -15.47 -6.83
CA ARG A 54 14.15 -16.32 -8.03
C ARG A 54 13.26 -15.74 -9.11
N GLU A 55 12.05 -15.33 -8.74
CA GLU A 55 11.14 -14.80 -9.74
C GLU A 55 11.73 -13.50 -10.26
N ALA A 56 12.34 -12.72 -9.37
CA ALA A 56 12.87 -11.42 -9.76
C ALA A 56 14.03 -11.54 -10.73
N ALA A 57 14.90 -12.53 -10.50
CA ALA A 57 15.97 -12.81 -11.45
C ALA A 57 15.35 -13.25 -12.75
N GLN A 58 14.31 -14.09 -12.66
CA GLN A 58 13.66 -14.52 -13.88
C GLN A 58 13.07 -13.32 -14.60
N PHE A 59 12.39 -12.44 -13.87
CA PHE A 59 11.56 -11.44 -14.53
C PHE A 59 12.38 -10.25 -15.06
N ALA A 60 13.44 -9.94 -14.36
CA ALA A 60 14.27 -8.79 -14.70
C ALA A 60 14.92 -8.95 -16.08
N ALA A 61 14.95 -10.18 -16.59
CA ALA A 61 15.50 -10.46 -17.91
C ALA A 61 14.44 -10.31 -19.01
N ILE A 62 13.18 -10.36 -18.59
CA ILE A 62 12.03 -10.28 -19.48
C ILE A 62 11.51 -8.86 -19.61
N ALA A 63 11.49 -8.14 -18.49
CA ALA A 63 10.94 -6.78 -18.50
C ALA A 63 11.79 -5.87 -19.35
N ASP A 64 11.18 -4.78 -19.80
CA ASP A 64 11.91 -3.81 -20.59
C ASP A 64 12.83 -2.94 -19.78
N ALA A 65 12.50 -2.73 -18.50
CA ALA A 65 13.29 -1.92 -17.61
C ALA A 65 13.10 -2.36 -16.16
N LEU A 66 14.07 -2.04 -15.34
CA LEU A 66 14.02 -2.34 -13.91
C LEU A 66 14.20 -1.11 -13.05
N LEU A 67 13.33 -0.97 -12.04
CA LEU A 67 13.43 0.05 -11.04
C LEU A 67 13.80 -0.54 -9.71
N ILE A 68 14.83 0.02 -9.11
CA ILE A 68 15.23 -0.30 -7.75
C ILE A 68 15.10 0.92 -6.86
N ASN A 69 14.19 0.84 -5.90
CA ASN A 69 13.93 1.91 -4.93
C ASN A 69 14.05 1.34 -3.54
N VAL A 70 14.99 1.87 -2.77
CA VAL A 70 15.41 1.29 -1.47
C VAL A 70 14.71 1.91 -0.27
N GLY A 71 13.61 2.62 -0.48
CA GLY A 71 12.96 3.36 0.59
C GLY A 71 12.54 2.60 1.84
N THR A 72 12.18 1.32 1.69
CA THR A 72 11.88 0.47 2.83
C THR A 72 12.70 -0.81 2.72
N LEU A 73 13.99 -0.63 2.53
CA LEU A 73 14.92 -1.74 2.38
C LEU A 73 14.91 -2.72 3.54
N THR A 74 14.92 -4.01 3.20
CA THR A 74 15.16 -5.06 4.18
C THR A 74 16.22 -6.01 3.64
N GLU A 75 16.71 -6.89 4.50
CA GLU A 75 17.78 -7.80 4.10
C GLU A 75 17.39 -8.75 2.96
N ASP A 76 16.25 -9.41 3.09
CA ASP A 76 15.76 -10.31 2.06
C ASP A 76 15.59 -9.56 0.73
N ARG A 77 14.93 -8.41 0.81
CA ARG A 77 14.67 -7.64 -0.41
C ARG A 77 15.97 -7.21 -1.10
N ALA A 78 16.99 -6.83 -0.33
CA ALA A 78 18.27 -6.46 -0.91
C ALA A 78 18.88 -7.58 -1.74
N VAL A 79 18.72 -8.82 -1.27
CA VAL A 79 19.22 -9.97 -2.01
C VAL A 79 18.50 -10.13 -3.31
N ALA A 80 17.17 -9.96 -3.23
CA ALA A 80 16.35 -10.06 -4.42
C ALA A 80 16.66 -8.94 -5.40
N MET A 81 16.87 -7.75 -4.89
CA MET A 81 17.17 -6.60 -5.74
C MET A 81 18.53 -6.81 -6.46
N ARG A 82 19.55 -7.23 -5.73
CA ARG A 82 20.85 -7.48 -6.35
C ARG A 82 20.73 -8.51 -7.46
N ALA A 83 20.01 -9.62 -7.18
CA ALA A 83 19.80 -10.64 -8.22
C ALA A 83 19.10 -10.07 -9.46
N ALA A 84 18.04 -9.31 -9.23
CA ALA A 84 17.33 -8.66 -10.32
C ALA A 84 18.27 -7.79 -11.17
N VAL A 85 19.06 -6.97 -10.50
CA VAL A 85 19.97 -6.09 -11.19
C VAL A 85 20.99 -6.87 -12.03
N GLU A 86 21.52 -7.95 -11.44
CA GLU A 86 22.52 -8.75 -12.14
C GLU A 86 21.92 -9.36 -13.40
N HIS A 87 20.68 -9.85 -13.29
CA HIS A 87 20.06 -10.46 -14.46
C HIS A 87 19.59 -9.47 -15.49
N ALA A 88 19.11 -8.32 -15.04
CA ALA A 88 18.80 -7.22 -15.96
C ALA A 88 20.05 -6.82 -16.78
N ARG A 89 21.16 -6.62 -16.09
CA ARG A 89 22.40 -6.22 -16.73
C ARG A 89 22.82 -7.26 -17.78
N GLN A 90 22.81 -8.52 -17.36
CA GLN A 90 23.17 -9.61 -18.27
C GLN A 90 22.22 -9.68 -19.44
N ALA A 91 20.94 -9.33 -19.25
CA ALA A 91 19.99 -9.29 -20.36
C ALA A 91 19.95 -8.00 -21.19
N GLY A 92 20.72 -7.00 -20.82
CA GLY A 92 20.72 -5.76 -21.57
C GLY A 92 19.53 -4.86 -21.28
N LYS A 93 18.84 -5.07 -20.16
CA LYS A 93 17.69 -4.21 -19.81
C LYS A 93 18.14 -3.10 -18.86
N PRO A 94 17.80 -1.84 -19.17
CA PRO A 94 18.22 -0.72 -18.35
C PRO A 94 17.57 -0.71 -16.99
N TRP A 95 18.39 -0.49 -15.98
CA TRP A 95 17.88 -0.38 -14.64
C TRP A 95 18.15 1.00 -14.05
N THR A 96 17.23 1.43 -13.20
CA THR A 96 17.25 2.74 -12.58
C THR A 96 17.30 2.60 -11.05
N LEU A 97 18.14 3.42 -10.42
CA LEU A 97 18.25 3.51 -8.98
C LEU A 97 17.62 4.73 -8.42
N ASP A 98 16.78 4.51 -7.41
CA ASP A 98 16.25 5.57 -6.56
C ASP A 98 16.74 5.40 -5.12
N PRO A 99 17.76 6.18 -4.75
CA PRO A 99 18.53 5.98 -3.50
C PRO A 99 17.91 6.73 -2.33
N VAL A 100 16.64 6.41 -2.03
CA VAL A 100 15.85 7.08 -1.00
C VAL A 100 16.55 7.01 0.36
N ALA A 101 16.86 8.18 0.90
CA ALA A 101 17.55 8.35 2.21
C ALA A 101 18.94 7.78 2.28
N VAL A 102 19.55 7.48 1.15
CA VAL A 102 20.98 7.19 1.10
C VAL A 102 21.73 8.39 1.68
N GLY A 103 22.76 8.15 2.47
CA GLY A 103 23.41 9.25 3.17
C GLY A 103 22.84 9.57 4.54
N ALA A 104 21.65 9.07 4.83
CA ALA A 104 21.03 9.23 6.15
C ALA A 104 20.88 7.89 6.91
N LEU A 105 20.77 6.78 6.19
CA LEU A 105 20.63 5.47 6.82
C LEU A 105 21.72 4.56 6.30
N THR A 106 22.43 3.94 7.20
CA THR A 106 23.65 3.24 6.88
C THR A 106 23.48 2.03 5.96
N VAL A 107 22.55 1.14 6.28
CA VAL A 107 22.43 -0.11 5.53
C VAL A 107 22.19 0.15 4.05
N ARG A 108 21.22 0.99 3.75
CA ARG A 108 20.89 1.24 2.35
C ARG A 108 21.99 2.02 1.63
N THR A 109 22.68 2.88 2.38
CA THR A 109 23.84 3.62 1.81
C THR A 109 24.92 2.65 1.31
N ALA A 110 25.32 1.71 2.17
CA ALA A 110 26.29 0.71 1.74
C ALA A 110 25.80 -0.11 0.57
N PHE A 111 24.53 -0.51 0.66
CA PHE A 111 23.94 -1.34 -0.40
C PHE A 111 23.98 -0.65 -1.76
N CYS A 112 23.55 0.61 -1.77
CA CYS A 112 23.57 1.39 -3.00
C CYS A 112 24.99 1.60 -3.55
N HIS A 113 25.96 1.89 -2.67
CA HIS A 113 27.37 1.92 -3.17
C HIS A 113 27.74 0.65 -3.90
N GLU A 114 27.40 -0.50 -3.31
CA GLU A 114 27.62 -1.76 -3.99
C GLU A 114 26.96 -1.85 -5.33
N LEU A 115 25.68 -1.50 -5.36
CA LEU A 115 24.93 -1.58 -6.61
C LEU A 115 25.48 -0.71 -7.70
N LEU A 116 26.05 0.46 -7.38
CA LEU A 116 26.55 1.31 -8.48
C LEU A 116 27.52 0.63 -9.44
N ALA A 117 28.27 -0.37 -8.95
CA ALA A 117 29.18 -1.18 -9.75
C ALA A 117 28.48 -1.88 -10.90
N LEU A 118 27.16 -2.09 -10.79
CA LEU A 118 26.41 -2.83 -11.79
C LEU A 118 25.73 -1.93 -12.81
N GLN A 119 26.15 -0.65 -12.83
CA GLN A 119 25.94 0.24 -13.97
C GLN A 119 24.48 0.58 -14.30
N PRO A 120 23.84 1.36 -13.43
CA PRO A 120 22.47 1.76 -13.69
C PRO A 120 22.39 2.67 -14.89
N ALA A 121 21.29 2.63 -15.61
CA ALA A 121 21.13 3.50 -16.76
C ALA A 121 20.78 4.91 -16.29
N ALA A 122 20.13 4.98 -15.13
CA ALA A 122 19.79 6.26 -14.56
C ALA A 122 19.79 6.18 -13.06
N ILE A 123 20.03 7.31 -12.46
CA ILE A 123 19.89 7.49 -11.02
C ILE A 123 19.05 8.71 -10.80
N ARG A 124 18.00 8.56 -10.00
CA ARG A 124 17.06 9.67 -9.72
C ARG A 124 16.99 9.89 -8.22
N GLY A 125 17.46 11.04 -7.73
CA GLY A 125 17.50 11.24 -6.29
C GLY A 125 17.51 12.70 -5.91
N ASN A 126 17.42 13.00 -4.62
CA ASN A 126 17.54 14.39 -4.18
C ASN A 126 19.01 14.73 -3.94
N ALA A 127 19.26 15.97 -3.58
CA ALA A 127 20.61 16.50 -3.56
C ALA A 127 21.51 15.72 -2.60
N SER A 128 21.02 15.52 -1.39
CA SER A 128 21.82 14.85 -0.37
C SER A 128 22.16 13.40 -0.77
N GLU A 129 21.23 12.76 -1.47
CA GLU A 129 21.38 11.35 -1.85
C GLU A 129 22.45 11.27 -2.94
N ILE A 130 22.39 12.20 -3.88
CA ILE A 130 23.32 12.21 -4.96
C ILE A 130 24.74 12.58 -4.43
N LEU A 131 24.81 13.50 -3.49
CA LEU A 131 26.10 13.79 -2.86
C LEU A 131 26.71 12.56 -2.18
N ALA A 132 25.90 11.84 -1.41
CA ALA A 132 26.42 10.65 -0.75
C ALA A 132 26.92 9.63 -1.78
N LEU A 133 26.15 9.39 -2.85
CA LEU A 133 26.61 8.47 -3.86
C LEU A 133 27.82 8.93 -4.66
N ALA A 134 27.93 10.23 -4.88
CA ALA A 134 29.03 10.73 -5.70
C ALA A 134 30.34 10.73 -4.93
N GLY A 135 30.24 10.72 -3.60
CA GLY A 135 31.39 10.69 -2.70
C GLY A 135 31.99 12.08 -2.62
N MET A 136 31.10 13.06 -2.50
CA MET A 136 31.44 14.47 -2.59
C MET A 136 30.57 15.25 -1.63
N THR A 148 19.73 22.15 -2.02
CA THR A 148 19.13 22.38 -3.33
C THR A 148 19.79 21.53 -4.41
N ALA A 149 19.01 21.19 -5.43
CA ALA A 149 19.47 20.34 -6.50
C ALA A 149 20.76 20.86 -7.16
N ALA A 150 20.80 22.17 -7.42
CA ALA A 150 21.95 22.76 -8.12
C ALA A 150 23.25 22.64 -7.33
N ALA A 151 23.18 22.70 -6.00
CA ALA A 151 24.36 22.49 -5.15
C ALA A 151 24.92 21.07 -5.34
N ALA A 152 24.06 20.14 -5.74
CA ALA A 152 24.50 18.78 -5.93
C ALA A 152 24.87 18.60 -7.38
N LEU A 153 24.87 19.69 -8.14
CA LEU A 153 25.08 19.55 -9.58
C LEU A 153 26.50 19.12 -9.94
N PRO A 154 27.56 19.72 -9.31
CA PRO A 154 28.88 19.19 -9.70
C PRO A 154 29.02 17.68 -9.34
N ALA A 155 28.40 17.27 -8.25
CA ALA A 155 28.41 15.84 -7.83
C ALA A 155 27.67 14.95 -8.82
N ALA A 156 26.51 15.41 -9.26
CA ALA A 156 25.73 14.68 -10.24
C ALA A 156 26.49 14.50 -11.49
N GLN A 157 27.20 15.54 -11.91
CA GLN A 157 28.00 15.42 -13.10
C GLN A 157 29.16 14.43 -12.87
N ALA A 158 29.78 14.49 -11.71
CA ALA A 158 30.90 13.57 -11.41
C ALA A 158 30.43 12.11 -11.42
N LEU A 159 29.34 11.86 -10.71
CA LEU A 159 28.70 10.56 -10.72
C LEU A 159 28.30 10.11 -12.12
N ALA A 160 27.69 11.00 -12.93
CA ALA A 160 27.33 10.61 -14.28
C ALA A 160 28.52 10.18 -15.12
N ARG A 161 29.60 10.96 -15.07
CA ARG A 161 30.82 10.63 -15.83
C ARG A 161 31.42 9.29 -15.40
N ARG A 162 31.60 9.14 -14.09
CA ARG A 162 32.19 7.93 -13.54
C ARG A 162 31.46 6.67 -13.99
N LEU A 163 30.14 6.73 -14.06
CA LEU A 163 29.34 5.54 -14.33
C LEU A 163 28.80 5.46 -15.75
N ALA A 164 29.01 6.50 -16.56
CA ALA A 164 28.39 6.53 -17.88
C ALA A 164 26.87 6.39 -17.73
N THR A 165 26.29 7.16 -16.80
CA THR A 165 24.86 7.06 -16.49
C THR A 165 24.25 8.45 -16.65
N VAL A 166 22.93 8.51 -16.60
CA VAL A 166 22.22 9.77 -16.44
C VAL A 166 21.79 9.97 -15.00
N VAL A 167 22.11 11.14 -14.44
CA VAL A 167 21.74 11.48 -13.10
C VAL A 167 20.72 12.61 -13.10
N ALA A 168 19.61 12.35 -12.44
CA ALA A 168 18.58 13.35 -12.24
C ALA A 168 18.53 13.71 -10.78
N VAL A 169 18.91 14.96 -10.49
CA VAL A 169 18.85 15.51 -9.16
C VAL A 169 17.61 16.34 -9.09
N THR A 170 16.70 15.99 -8.20
CA THR A 170 15.35 16.52 -8.29
C THR A 170 15.07 17.46 -7.15
N GLY A 171 14.18 18.41 -7.40
CA GLY A 171 13.76 19.35 -6.38
C GLY A 171 12.81 20.35 -7.01
N GLU A 172 12.77 21.55 -6.44
CA GLU A 172 11.93 22.61 -6.99
C GLU A 172 12.22 22.73 -8.46
N VAL A 173 13.51 22.72 -8.81
CA VAL A 173 13.97 22.58 -10.20
C VAL A 173 14.73 21.27 -10.32
N ASP A 174 14.49 20.53 -11.40
CA ASP A 174 15.19 19.26 -11.62
C ASP A 174 16.36 19.51 -12.50
N TYR A 175 17.47 18.87 -12.20
CA TYR A 175 18.63 18.91 -13.05
C TYR A 175 18.97 17.53 -13.52
N VAL A 176 19.16 17.38 -14.83
CA VAL A 176 19.48 16.11 -15.43
C VAL A 176 20.82 16.23 -16.18
N THR A 177 21.77 15.35 -15.87
CA THR A 177 23.08 15.38 -16.55
C THR A 177 23.59 14.02 -16.93
N ASP A 178 24.34 14.00 -18.04
CA ASP A 178 25.12 12.82 -18.44
C ASP A 178 26.62 13.00 -18.18
N GLY A 179 26.99 13.94 -17.32
CA GLY A 179 28.39 14.23 -17.04
C GLY A 179 28.81 15.61 -17.51
N GLU A 180 28.41 15.96 -18.74
CA GLU A 180 28.71 17.27 -19.34
C GLU A 180 27.46 18.11 -19.53
N ARG A 181 26.56 17.66 -20.41
CA ARG A 181 25.27 18.35 -20.62
C ARG A 181 24.45 18.38 -19.36
N VAL A 182 23.89 19.55 -19.06
CA VAL A 182 22.98 19.73 -17.94
C VAL A 182 21.69 20.36 -18.46
N LEU A 183 20.57 19.66 -18.28
CA LEU A 183 19.25 20.20 -18.65
C LEU A 183 18.57 20.47 -17.37
N SER A 184 17.87 21.58 -17.26
CA SER A 184 17.12 21.86 -16.06
C SER A 184 15.63 21.88 -16.43
N VAL A 185 14.80 21.50 -15.48
CA VAL A 185 13.36 21.38 -15.70
C VAL A 185 12.63 21.99 -14.54
N ALA A 186 11.98 23.11 -14.83
CA ALA A 186 11.20 23.82 -13.84
C ALA A 186 9.72 23.46 -14.02
N GLY A 187 8.89 23.96 -13.12
CA GLY A 187 7.46 23.71 -13.13
C GLY A 187 7.04 23.03 -11.86
N GLY A 188 5.95 22.28 -11.93
CA GLY A 188 5.41 21.61 -10.75
C GLY A 188 4.70 22.53 -9.78
N ASN A 189 4.66 22.11 -8.52
CA ASN A 189 3.98 22.87 -7.48
C ASN A 189 4.42 22.27 -6.14
N PRO A 190 4.63 23.12 -5.12
CA PRO A 190 5.05 22.62 -3.79
C PRO A 190 4.10 21.58 -3.18
N LEU A 191 2.84 21.56 -3.61
CA LEU A 191 1.88 20.59 -3.07
C LEU A 191 2.31 19.15 -3.41
N MET A 192 3.08 18.99 -4.48
CA MET A 192 3.59 17.68 -4.87
C MET A 192 4.39 17.04 -3.72
N THR A 193 4.95 17.88 -2.84
CA THR A 193 5.78 17.39 -1.73
C THR A 193 4.94 17.02 -0.51
N ARG A 194 3.65 17.30 -0.56
CA ARG A 194 2.75 16.94 0.53
C ARG A 194 1.93 15.71 0.16
N VAL A 195 2.36 15.00 -0.88
CA VAL A 195 1.68 13.79 -1.31
C VAL A 195 2.79 12.74 -1.38
N VAL A 196 2.62 11.59 -0.74
CA VAL A 196 3.75 10.66 -0.69
C VAL A 196 3.94 10.01 -2.07
N GLY A 197 5.19 9.79 -2.48
CA GLY A 197 5.42 8.97 -3.66
C GLY A 197 5.49 9.64 -5.02
N THR A 198 5.34 10.97 -5.10
CA THR A 198 5.47 11.66 -6.38
C THR A 198 6.90 11.53 -6.95
N GLY A 199 7.90 11.67 -6.08
CA GLY A 199 9.29 11.47 -6.46
C GLY A 199 9.59 10.01 -6.80
N CYS A 200 9.04 9.09 -6.00
CA CYS A 200 9.20 7.67 -6.27
C CYS A 200 8.49 7.27 -7.57
N ALA A 201 7.36 7.90 -7.88
CA ALA A 201 6.68 7.59 -9.14
C ALA A 201 7.46 8.18 -10.33
N LEU A 202 8.07 9.35 -10.12
CA LEU A 202 8.94 9.93 -11.15
C LEU A 202 10.02 8.94 -11.53
N SER A 203 10.66 8.34 -10.53
CA SER A 203 11.70 7.33 -10.81
C SER A 203 11.20 6.19 -11.69
N ALA A 204 9.97 5.75 -11.50
CA ALA A 204 9.43 4.67 -12.29
C ALA A 204 9.18 5.10 -13.77
N VAL A 205 8.71 6.33 -13.94
CA VAL A 205 8.54 6.89 -15.30
C VAL A 205 9.93 7.09 -15.96
N VAL A 206 10.91 7.56 -15.19
CA VAL A 206 12.30 7.71 -15.67
C VAL A 206 12.81 6.34 -16.10
N ALA A 207 12.53 5.32 -15.27
CA ALA A 207 12.95 3.96 -15.58
C ALA A 207 12.37 3.46 -16.88
N ALA A 208 11.05 3.64 -17.04
CA ALA A 208 10.38 3.32 -18.30
C ALA A 208 11.05 4.04 -19.47
N SER A 209 11.33 5.32 -19.28
CA SER A 209 11.86 6.14 -20.38
C SER A 209 13.24 5.72 -20.88
N ALA A 210 13.99 5.04 -20.04
CA ALA A 210 15.34 4.63 -20.37
C ALA A 210 15.32 3.47 -21.32
N ALA A 211 14.18 2.82 -21.42
CA ALA A 211 13.97 1.76 -22.37
C ALA A 211 13.47 2.22 -23.74
N LEU A 212 13.13 3.50 -23.86
CA LEU A 212 12.59 4.01 -25.11
C LEU A 212 13.70 4.49 -26.07
N PRO A 213 13.42 4.49 -27.39
CA PRO A 213 14.35 5.05 -28.37
C PRO A 213 14.66 6.50 -28.09
N GLY A 214 15.85 6.96 -28.50
CA GLY A 214 16.20 8.37 -28.46
C GLY A 214 17.36 8.68 -27.55
N ASP A 215 17.61 9.96 -27.36
CA ASP A 215 18.64 10.38 -26.41
C ASP A 215 18.19 10.20 -24.95
N ARG A 216 18.95 9.44 -24.18
CA ARG A 216 18.52 9.04 -22.83
C ARG A 216 18.41 10.24 -21.93
N LEU A 217 19.34 11.17 -22.09
CA LEU A 217 19.33 12.37 -21.31
C LEU A 217 18.05 13.20 -21.52
N GLU A 218 17.72 13.42 -22.80
CA GLU A 218 16.53 14.19 -23.15
C GLU A 218 15.24 13.46 -22.72
N ASN A 219 15.21 12.14 -22.82
CA ASN A 219 14.03 11.40 -22.37
C ASN A 219 13.83 11.51 -20.87
N VAL A 220 14.93 11.45 -20.13
CA VAL A 220 14.83 11.60 -18.67
C VAL A 220 14.38 13.00 -18.31
N ALA A 221 14.96 14.02 -18.96
CA ALA A 221 14.49 15.38 -18.74
C ALA A 221 12.98 15.52 -19.10
N ALA A 222 12.60 14.87 -20.19
CA ALA A 222 11.20 14.85 -20.62
C ALA A 222 10.30 14.16 -19.59
N ALA A 223 10.80 13.09 -18.95
CA ALA A 223 10.01 12.43 -17.90
C ALA A 223 9.81 13.37 -16.74
N CYS A 224 10.89 14.10 -16.37
CA CYS A 224 10.77 15.13 -15.35
C CYS A 224 9.72 16.21 -15.70
N GLY A 225 9.80 16.73 -16.91
CA GLY A 225 8.80 17.70 -17.42
C GLY A 225 7.37 17.18 -17.40
N LEU A 226 7.19 15.92 -17.81
CA LEU A 226 5.88 15.27 -17.79
C LEU A 226 5.27 15.25 -16.39
N MET A 227 6.05 14.79 -15.41
CA MET A 227 5.55 14.73 -14.04
C MET A 227 5.29 16.13 -13.41
N LYS A 228 6.18 17.09 -13.63
CA LYS A 228 5.93 18.46 -13.17
C LYS A 228 4.69 19.10 -13.82
N GLN A 229 4.48 18.88 -15.11
CA GLN A 229 3.30 19.43 -15.82
C GLN A 229 2.00 18.82 -15.26
N ALA A 230 2.03 17.50 -15.07
CA ALA A 230 0.88 16.83 -14.44
C ALA A 230 0.64 17.36 -13.03
N GLY A 231 1.71 17.56 -12.28
CA GLY A 231 1.63 18.09 -10.94
C GLY A 231 1.10 19.53 -10.88
N GLU A 232 1.54 20.37 -11.80
CA GLU A 232 1.01 21.74 -11.85
C GLU A 232 -0.49 21.65 -12.04
N ILE A 233 -0.91 20.84 -13.00
CA ILE A 233 -2.35 20.67 -13.22
C ILE A 233 -3.08 20.17 -11.97
N ALA A 234 -2.58 19.10 -11.37
CA ALA A 234 -3.24 18.54 -10.21
C ALA A 234 -3.26 19.47 -9.02
N ALA A 235 -2.25 20.33 -8.87
CA ALA A 235 -2.20 21.26 -7.73
C ALA A 235 -3.32 22.33 -7.80
N ARG A 236 -3.93 22.48 -8.97
CA ARG A 236 -5.01 23.46 -9.13
C ARG A 236 -6.22 23.07 -8.28
N GLN A 237 -6.31 21.80 -7.87
CA GLN A 237 -7.44 21.35 -7.03
C GLN A 237 -7.30 21.75 -5.56
N GLY A 238 -6.23 22.44 -5.21
CA GLY A 238 -6.11 23.00 -3.87
C GLY A 238 -5.54 22.13 -2.75
N GLY A 239 -5.86 20.83 -2.72
CA GLY A 239 -5.49 19.97 -1.62
C GLY A 239 -4.81 18.67 -2.03
N PRO A 240 -4.04 18.06 -1.12
CA PRO A 240 -3.24 16.88 -1.43
C PRO A 240 -4.06 15.62 -1.67
N GLY A 241 -5.26 15.56 -1.10
CA GLY A 241 -6.17 14.45 -1.32
C GLY A 241 -6.72 14.47 -2.72
N SER A 242 -7.27 15.62 -3.13
CA SER A 242 -7.76 15.81 -4.50
C SER A 242 -6.64 15.83 -5.53
N PHE A 243 -5.45 16.20 -5.08
CA PHE A 243 -4.28 16.16 -5.96
C PHE A 243 -4.13 14.81 -6.69
N ILE A 244 -4.32 13.73 -5.94
CA ILE A 244 -3.90 12.41 -6.44
C ILE A 244 -4.75 11.96 -7.64
N PRO A 245 -6.09 11.94 -7.49
CA PRO A 245 -6.88 11.61 -8.68
C PRO A 245 -6.64 12.52 -9.90
N ALA A 246 -6.47 13.81 -9.64
CA ALA A 246 -6.25 14.79 -10.69
C ALA A 246 -4.91 14.55 -11.38
N PHE A 247 -3.90 14.18 -10.60
CA PHE A 247 -2.56 13.90 -11.13
C PHE A 247 -2.59 12.69 -12.07
N LEU A 248 -3.23 11.62 -11.60
CA LEU A 248 -3.36 10.45 -12.45
C LEU A 248 -4.19 10.72 -13.70
N ASP A 249 -5.28 11.48 -13.56
CA ASP A 249 -6.07 11.89 -14.71
C ASP A 249 -5.24 12.65 -15.75
N ALA A 250 -4.43 13.58 -15.25
CA ALA A 250 -3.60 14.43 -16.12
C ALA A 250 -2.52 13.63 -16.86
N LEU A 251 -2.02 12.56 -16.26
CA LEU A 251 -1.14 11.66 -16.97
C LEU A 251 -1.82 10.79 -18.08
N TYR A 252 -3.12 10.55 -17.97
CA TYR A 252 -3.84 9.70 -18.89
C TYR A 252 -4.36 10.42 -20.16
N GLN A 253 -4.21 9.77 -21.32
CA GLN A 253 -4.78 10.24 -22.59
C GLN A 253 -6.03 9.49 -23.03
N GLU A 254 -7.07 10.25 -23.37
CA GLU A 254 -8.32 9.73 -23.94
C GLU A 254 -9.11 8.95 -22.90
N PRO B 9 -30.26 -9.94 -9.31
CA PRO B 9 -29.12 -10.86 -9.27
C PRO B 9 -27.84 -10.18 -8.78
N VAL B 10 -27.40 -9.11 -9.45
CA VAL B 10 -26.36 -8.25 -8.89
C VAL B 10 -26.93 -7.55 -7.68
N ALA B 11 -28.16 -7.06 -7.82
CA ALA B 11 -28.86 -6.41 -6.71
C ALA B 11 -29.00 -7.33 -5.50
N HIS B 12 -29.28 -8.59 -5.79
CA HIS B 12 -29.41 -9.61 -4.76
C HIS B 12 -28.08 -9.88 -4.06
N LEU B 13 -27.02 -10.01 -4.85
CA LEU B 13 -25.70 -10.23 -4.27
C LEU B 13 -25.31 -9.04 -3.40
N ARG B 14 -25.61 -7.83 -3.87
CA ARG B 14 -25.33 -6.63 -3.08
C ARG B 14 -26.01 -6.65 -1.72
N HIS B 15 -27.31 -6.97 -1.74
CA HIS B 15 -28.06 -7.03 -0.51
C HIS B 15 -27.48 -8.10 0.41
N LEU B 16 -27.14 -9.24 -0.17
CA LEU B 16 -26.55 -10.36 0.61
C LEU B 16 -25.21 -10.02 1.25
N LEU B 17 -24.32 -9.41 0.48
CA LEU B 17 -23.02 -9.04 1.00
C LEU B 17 -23.19 -8.14 2.21
N ARG B 18 -24.08 -7.15 2.08
CA ARG B 18 -24.34 -6.25 3.24
C ARG B 18 -24.94 -6.95 4.45
N ALA B 19 -25.94 -7.77 4.20
CA ALA B 19 -26.59 -8.49 5.28
C ALA B 19 -25.67 -9.51 5.97
N HIS B 20 -24.83 -10.24 5.24
CA HIS B 20 -23.93 -11.17 5.93
C HIS B 20 -22.63 -10.57 6.42
N SER B 21 -22.22 -9.48 5.81
CA SER B 21 -20.93 -8.86 6.11
C SER B 21 -19.86 -9.92 6.26
N PRO B 22 -19.65 -10.73 5.21
CA PRO B 22 -18.62 -11.76 5.34
C PRO B 22 -17.24 -11.25 5.80
N LEU B 23 -16.64 -11.97 6.73
CA LEU B 23 -15.30 -11.70 7.22
C LEU B 23 -14.29 -12.42 6.33
N VAL B 24 -13.53 -11.66 5.54
CA VAL B 24 -12.66 -12.25 4.52
C VAL B 24 -11.21 -12.10 4.90
N HIS B 25 -10.56 -13.24 5.07
CA HIS B 25 -9.14 -13.32 5.32
C HIS B 25 -8.38 -13.13 3.98
N CYS B 26 -7.75 -11.98 3.82
CA CYS B 26 -7.08 -11.62 2.56
C CYS B 26 -5.60 -11.81 2.65
N MET B 27 -5.09 -12.79 1.92
CA MET B 27 -3.66 -12.94 1.78
C MET B 27 -3.34 -12.60 0.33
N THR B 28 -3.18 -11.30 0.08
CA THR B 28 -3.03 -10.78 -1.27
C THR B 28 -1.71 -10.00 -1.43
N ASN B 29 -1.48 -9.49 -2.63
CA ASN B 29 -0.17 -8.95 -2.99
C ASN B 29 0.03 -7.51 -2.51
N ASP B 30 1.27 -7.03 -2.56
CA ASP B 30 1.61 -5.78 -1.92
C ASP B 30 1.02 -4.58 -2.64
N VAL B 31 0.61 -4.76 -3.88
CA VAL B 31 0.25 -3.59 -4.68
C VAL B 31 -1.23 -3.24 -4.45
N VAL B 32 -2.01 -4.22 -3.98
CA VAL B 32 -3.47 -4.06 -3.95
C VAL B 32 -4.09 -4.18 -2.57
N GLN B 33 -3.28 -4.22 -1.51
CA GLN B 33 -3.84 -4.41 -0.15
C GLN B 33 -4.95 -3.42 0.20
N THR B 34 -4.61 -2.15 0.02
CA THR B 34 -5.45 -1.05 0.49
C THR B 34 -6.74 -1.04 -0.31
N PHE B 35 -6.59 -1.13 -1.62
CA PHE B 35 -7.73 -1.14 -2.54
C PHE B 35 -8.66 -2.35 -2.29
N THR B 36 -8.07 -3.51 -2.00
CA THR B 36 -8.87 -4.71 -1.74
C THR B 36 -9.71 -4.49 -0.48
N ALA B 37 -9.05 -4.02 0.57
CA ALA B 37 -9.72 -3.75 1.84
C ALA B 37 -10.84 -2.72 1.66
N ASN B 38 -10.57 -1.63 0.93
CA ASN B 38 -11.62 -0.65 0.71
C ASN B 38 -12.77 -1.12 -0.18
N VAL B 39 -12.48 -1.95 -1.17
CA VAL B 39 -13.56 -2.59 -1.97
C VAL B 39 -14.43 -3.46 -1.05
N LEU B 40 -13.79 -4.29 -0.23
CA LEU B 40 -14.55 -5.17 0.65
C LEU B 40 -15.38 -4.35 1.64
N LEU B 41 -14.80 -3.29 2.20
CA LEU B 41 -15.55 -2.42 3.10
C LEU B 41 -16.70 -1.73 2.39
N ALA B 42 -16.49 -1.29 1.15
CA ALA B 42 -17.53 -0.60 0.44
C ALA B 42 -18.74 -1.49 0.13
N VAL B 43 -18.52 -2.78 -0.15
CA VAL B 43 -19.67 -3.68 -0.38
C VAL B 43 -20.32 -4.23 0.90
N GLY B 44 -19.78 -3.86 2.06
CA GLY B 44 -20.36 -4.21 3.34
C GLY B 44 -19.72 -5.41 4.00
N ALA B 45 -18.61 -5.88 3.45
CA ALA B 45 -17.86 -6.99 4.04
C ALA B 45 -16.76 -6.48 5.00
N SER B 46 -16.04 -7.42 5.62
CA SER B 46 -15.00 -7.12 6.57
C SER B 46 -13.68 -7.76 6.15
N PRO B 47 -12.71 -6.93 5.72
CA PRO B 47 -11.41 -7.45 5.31
C PRO B 47 -10.48 -7.63 6.49
N ALA B 48 -9.58 -8.58 6.41
CA ALA B 48 -8.63 -8.73 7.47
C ALA B 48 -7.40 -9.36 6.83
N MET B 49 -6.27 -8.67 6.94
CA MET B 49 -5.04 -9.15 6.34
C MET B 49 -4.15 -9.69 7.46
N VAL B 50 -4.01 -11.01 7.49
CA VAL B 50 -3.25 -11.68 8.52
C VAL B 50 -2.26 -12.58 7.80
N ILE B 51 -0.97 -12.35 8.04
CA ILE B 51 0.08 -12.94 7.23
C ILE B 51 1.15 -13.74 7.99
N ASP B 52 1.26 -13.56 9.30
CA ASP B 52 2.15 -14.42 10.07
C ASP B 52 1.57 -15.87 10.01
N PRO B 53 2.44 -16.89 9.86
CA PRO B 53 1.99 -18.29 9.66
C PRO B 53 1.03 -18.80 10.73
N ARG B 54 1.41 -18.57 11.98
CA ARG B 54 0.60 -18.97 13.13
C ARG B 54 -0.70 -18.20 13.20
N GLU B 55 -0.62 -16.87 13.13
CA GLU B 55 -1.85 -16.09 13.16
C GLU B 55 -2.75 -16.49 11.99
N ALA B 56 -2.14 -16.76 10.84
CA ALA B 56 -2.90 -17.03 9.62
C ALA B 56 -3.65 -18.35 9.77
N ALA B 57 -2.95 -19.37 10.27
CA ALA B 57 -3.62 -20.63 10.62
C ALA B 57 -4.77 -20.41 11.60
N GLN B 58 -4.52 -19.67 12.67
CA GLN B 58 -5.58 -19.36 13.62
C GLN B 58 -6.78 -18.62 12.98
N PHE B 59 -6.49 -17.61 12.17
CA PHE B 59 -7.55 -16.78 11.64
C PHE B 59 -8.32 -17.44 10.51
N ALA B 60 -7.65 -18.23 9.68
CA ALA B 60 -8.32 -18.84 8.53
C ALA B 60 -9.45 -19.81 8.95
N ALA B 61 -9.37 -20.31 10.17
CA ALA B 61 -10.41 -21.14 10.74
C ALA B 61 -11.61 -20.29 11.14
N ILE B 62 -11.35 -19.03 11.45
CA ILE B 62 -12.35 -18.13 11.98
C ILE B 62 -13.10 -17.33 10.92
N ALA B 63 -12.37 -16.95 9.87
CA ALA B 63 -12.94 -16.11 8.82
C ALA B 63 -14.01 -16.88 8.08
N ASP B 64 -14.93 -16.17 7.44
CA ASP B 64 -15.95 -16.77 6.56
C ASP B 64 -15.40 -17.25 5.23
N ALA B 65 -14.34 -16.62 4.78
CA ALA B 65 -13.73 -16.96 3.51
C ALA B 65 -12.26 -16.57 3.52
N LEU B 66 -11.49 -17.25 2.68
CA LEU B 66 -10.06 -16.98 2.56
C LEU B 66 -9.70 -16.66 1.11
N LEU B 67 -8.95 -15.59 0.88
CA LEU B 67 -8.40 -15.27 -0.47
C LEU B 67 -6.90 -15.43 -0.50
N ILE B 68 -6.44 -16.15 -1.53
CA ILE B 68 -5.04 -16.34 -1.80
C ILE B 68 -4.74 -15.70 -3.16
N ASN B 69 -3.99 -14.62 -3.13
CA ASN B 69 -3.54 -13.95 -4.34
C ASN B 69 -2.01 -13.91 -4.35
N VAL B 70 -1.39 -14.54 -5.36
CA VAL B 70 0.06 -14.75 -5.35
C VAL B 70 0.83 -13.67 -6.12
N GLY B 71 0.26 -12.47 -6.22
CA GLY B 71 0.82 -11.42 -7.06
C GLY B 71 2.24 -10.96 -6.75
N THR B 72 2.62 -10.97 -5.48
CA THR B 72 3.99 -10.61 -5.08
C THR B 72 4.51 -11.69 -4.14
N LEU B 73 4.45 -12.93 -4.60
CA LEU B 73 4.77 -14.06 -3.71
C LEU B 73 6.20 -14.01 -3.16
N THR B 74 6.37 -14.40 -1.90
CA THR B 74 7.69 -14.74 -1.34
C THR B 74 7.60 -16.07 -0.60
N GLU B 75 8.74 -16.69 -0.30
CA GLU B 75 8.74 -18.01 0.32
C GLU B 75 8.06 -17.96 1.70
N ASP B 76 8.38 -16.95 2.49
CA ASP B 76 7.76 -16.81 3.82
C ASP B 76 6.23 -16.74 3.69
N ARG B 77 5.78 -15.91 2.76
CA ARG B 77 4.35 -15.71 2.58
C ARG B 77 3.68 -16.99 2.07
N ALA B 78 4.38 -17.73 1.21
CA ALA B 78 3.90 -19.02 0.72
C ALA B 78 3.66 -20.03 1.84
N VAL B 79 4.62 -20.13 2.77
CA VAL B 79 4.44 -20.96 3.98
C VAL B 79 3.14 -20.60 4.73
N ALA B 80 3.01 -19.31 5.04
CA ALA B 80 1.82 -18.85 5.74
C ALA B 80 0.50 -19.06 4.92
N MET B 81 0.54 -18.86 3.62
CA MET B 81 -0.62 -19.13 2.74
C MET B 81 -0.99 -20.63 2.77
N ARG B 82 0.00 -21.50 2.73
CA ARG B 82 -0.32 -22.92 2.72
C ARG B 82 -0.97 -23.32 4.04
N ALA B 83 -0.39 -22.86 5.15
CA ALA B 83 -1.01 -23.08 6.47
C ALA B 83 -2.45 -22.51 6.56
N ALA B 84 -2.66 -21.31 6.03
CA ALA B 84 -4.01 -20.70 6.00
C ALA B 84 -4.99 -21.61 5.24
N VAL B 85 -4.62 -22.01 4.03
CA VAL B 85 -5.48 -22.88 3.23
C VAL B 85 -5.83 -24.20 3.96
N GLU B 86 -4.82 -24.84 4.54
CA GLU B 86 -5.06 -26.09 5.27
C GLU B 86 -6.03 -25.87 6.43
N HIS B 87 -5.86 -24.79 7.18
CA HIS B 87 -6.77 -24.55 8.29
C HIS B 87 -8.16 -24.13 7.88
N ALA B 88 -8.27 -23.36 6.79
CA ALA B 88 -9.59 -23.06 6.25
C ALA B 88 -10.31 -24.35 5.81
N ARG B 89 -9.60 -25.19 5.08
CA ARG B 89 -10.21 -26.40 4.54
C ARG B 89 -10.67 -27.29 5.70
N GLN B 90 -9.81 -27.43 6.69
CA GLN B 90 -10.16 -28.21 7.88
C GLN B 90 -11.41 -27.64 8.56
N ALA B 91 -11.57 -26.31 8.57
CA ALA B 91 -12.72 -25.68 9.22
C ALA B 91 -13.96 -25.51 8.34
N GLY B 92 -13.95 -26.02 7.11
CA GLY B 92 -15.09 -25.87 6.21
C GLY B 92 -15.30 -24.48 5.63
N LYS B 93 -14.24 -23.66 5.60
CA LYS B 93 -14.35 -22.28 5.06
C LYS B 93 -13.85 -22.26 3.62
N PRO B 94 -14.63 -21.68 2.69
CA PRO B 94 -14.22 -21.71 1.30
C PRO B 94 -13.06 -20.73 1.01
N TRP B 95 -12.10 -21.19 0.22
CA TRP B 95 -10.98 -20.33 -0.16
C TRP B 95 -10.92 -20.15 -1.69
N THR B 96 -10.44 -19.00 -2.09
CA THR B 96 -10.41 -18.62 -3.50
C THR B 96 -8.96 -18.41 -3.91
N LEU B 97 -8.60 -18.89 -5.09
CA LEU B 97 -7.26 -18.70 -5.63
C LEU B 97 -7.27 -17.69 -6.74
N ASP B 98 -6.33 -16.75 -6.65
CA ASP B 98 -6.08 -15.78 -7.73
C ASP B 98 -4.65 -15.97 -8.23
N PRO B 99 -4.47 -16.71 -9.33
CA PRO B 99 -3.12 -17.09 -9.74
C PRO B 99 -2.41 -16.02 -10.57
N VAL B 100 -2.14 -14.85 -10.00
CA VAL B 100 -1.55 -13.73 -10.76
C VAL B 100 -0.21 -14.11 -11.39
N ALA B 101 -0.10 -13.98 -12.71
CA ALA B 101 1.13 -14.23 -13.48
C ALA B 101 1.62 -15.68 -13.45
N VAL B 102 0.77 -16.61 -13.03
CA VAL B 102 1.07 -18.02 -13.21
C VAL B 102 1.23 -18.27 -14.71
N GLY B 103 2.16 -19.15 -15.06
CA GLY B 103 2.51 -19.36 -16.46
C GLY B 103 3.67 -18.46 -16.90
N ALA B 104 3.76 -17.26 -16.32
CA ALA B 104 4.87 -16.34 -16.60
C ALA B 104 6.07 -16.47 -15.64
N LEU B 105 5.81 -16.89 -14.41
CA LEU B 105 6.85 -16.95 -13.37
C LEU B 105 6.85 -18.33 -12.72
N THR B 106 8.02 -18.98 -12.74
CA THR B 106 8.14 -20.39 -12.37
C THR B 106 7.68 -20.71 -10.95
N VAL B 107 8.20 -19.97 -9.97
CA VAL B 107 7.98 -20.33 -8.57
C VAL B 107 6.49 -20.27 -8.21
N ARG B 108 5.88 -19.14 -8.50
CA ARG B 108 4.44 -18.94 -8.45
C ARG B 108 3.65 -20.07 -9.05
N THR B 109 4.08 -20.46 -10.25
CA THR B 109 3.34 -21.49 -10.97
C THR B 109 3.42 -22.82 -10.18
N ALA B 110 4.62 -23.15 -9.72
CA ALA B 110 4.82 -24.38 -8.97
C ALA B 110 3.96 -24.42 -7.70
N PHE B 111 3.99 -23.29 -6.98
CA PHE B 111 3.18 -23.13 -5.78
C PHE B 111 1.68 -23.29 -6.04
N CYS B 112 1.16 -22.64 -7.08
CA CYS B 112 -0.28 -22.68 -7.31
C CYS B 112 -0.71 -24.10 -7.70
N HIS B 113 0.11 -24.74 -8.54
CA HIS B 113 -0.14 -26.14 -8.88
C HIS B 113 -0.25 -26.99 -7.64
N GLU B 114 0.65 -26.78 -6.68
CA GLU B 114 0.58 -27.47 -5.39
C GLU B 114 -0.69 -27.13 -4.56
N LEU B 115 -1.12 -25.87 -4.58
CA LEU B 115 -2.34 -25.49 -3.87
C LEU B 115 -3.64 -26.05 -4.47
N LEU B 116 -3.66 -26.32 -5.77
CA LEU B 116 -4.86 -26.94 -6.36
C LEU B 116 -5.32 -28.24 -5.70
N ALA B 117 -4.40 -29.01 -5.13
CA ALA B 117 -4.80 -30.23 -4.43
C ALA B 117 -5.75 -29.87 -3.29
N LEU B 118 -5.66 -28.64 -2.78
CA LEU B 118 -6.40 -28.29 -1.57
C LEU B 118 -7.78 -27.74 -1.86
N GLN B 119 -8.26 -27.89 -3.10
CA GLN B 119 -9.69 -27.77 -3.38
C GLN B 119 -10.28 -26.39 -3.11
N PRO B 120 -9.82 -25.39 -3.89
CA PRO B 120 -10.42 -24.06 -3.81
C PRO B 120 -11.88 -24.10 -4.19
N ALA B 121 -12.68 -23.28 -3.53
CA ALA B 121 -14.06 -23.08 -3.90
C ALA B 121 -14.13 -22.38 -5.26
N ALA B 122 -13.16 -21.51 -5.50
CA ALA B 122 -13.20 -20.75 -6.75
C ALA B 122 -11.79 -20.35 -7.18
N ILE B 123 -11.61 -20.21 -8.50
CA ILE B 123 -10.37 -19.72 -9.10
C ILE B 123 -10.76 -18.57 -10.04
N ARG B 124 -10.09 -17.43 -9.86
CA ARG B 124 -10.34 -16.23 -10.62
C ARG B 124 -9.03 -15.77 -11.28
N GLY B 125 -8.98 -15.78 -12.61
CA GLY B 125 -7.74 -15.43 -13.30
C GLY B 125 -7.99 -14.95 -14.72
N ASN B 126 -6.94 -14.51 -15.41
CA ASN B 126 -7.12 -14.17 -16.81
C ASN B 126 -6.90 -15.41 -17.68
N ALA B 127 -7.14 -15.29 -18.98
CA ALA B 127 -7.01 -16.46 -19.88
C ALA B 127 -5.67 -17.14 -19.75
N SER B 128 -4.59 -16.36 -19.79
CA SER B 128 -3.25 -16.90 -19.78
C SER B 128 -2.97 -17.69 -18.50
N GLU B 129 -3.47 -17.15 -17.40
CA GLU B 129 -3.24 -17.75 -16.10
C GLU B 129 -4.03 -19.04 -15.97
N ILE B 130 -5.27 -19.04 -16.44
CA ILE B 130 -6.14 -20.21 -16.34
C ILE B 130 -5.56 -21.30 -17.24
N LEU B 131 -5.20 -20.90 -18.46
CA LEU B 131 -4.55 -21.84 -19.36
C LEU B 131 -3.31 -22.48 -18.73
N ALA B 132 -2.46 -21.66 -18.10
CA ALA B 132 -1.29 -22.20 -17.41
C ALA B 132 -1.64 -23.12 -16.24
N LEU B 133 -2.62 -22.75 -15.43
CA LEU B 133 -3.05 -23.59 -14.31
C LEU B 133 -3.57 -24.93 -14.76
N ALA B 134 -4.20 -24.95 -15.94
CA ALA B 134 -4.73 -26.19 -16.49
C ALA B 134 -3.70 -27.03 -17.26
N GLY B 135 -2.60 -26.41 -17.69
CA GLY B 135 -1.55 -27.13 -18.40
C GLY B 135 -1.73 -27.10 -19.91
N THR B 148 -6.44 -15.28 -25.26
CA THR B 148 -7.82 -14.81 -25.30
C THR B 148 -8.77 -15.73 -24.53
N ALA B 149 -9.81 -15.14 -23.92
CA ALA B 149 -10.75 -15.88 -23.05
C ALA B 149 -11.23 -17.17 -23.71
N ALA B 150 -11.70 -17.02 -24.94
CA ALA B 150 -12.23 -18.15 -25.73
C ALA B 150 -11.29 -19.34 -25.68
N ALA B 151 -10.01 -19.07 -25.87
CA ALA B 151 -8.99 -20.10 -25.82
C ALA B 151 -8.94 -20.73 -24.42
N ALA B 152 -9.20 -19.93 -23.39
CA ALA B 152 -9.16 -20.42 -22.02
C ALA B 152 -10.44 -21.16 -21.58
N LEU B 153 -11.55 -20.94 -22.28
CA LEU B 153 -12.80 -21.65 -21.94
C LEU B 153 -12.67 -23.18 -21.77
N PRO B 154 -12.09 -23.89 -22.75
CA PRO B 154 -11.91 -25.34 -22.55
C PRO B 154 -11.12 -25.69 -21.28
N ALA B 155 -10.02 -24.96 -21.06
CA ALA B 155 -9.19 -25.14 -19.87
C ALA B 155 -9.95 -24.90 -18.58
N ALA B 156 -10.71 -23.81 -18.55
CA ALA B 156 -11.53 -23.49 -17.38
C ALA B 156 -12.52 -24.61 -17.10
N GLN B 157 -13.22 -25.08 -18.12
CA GLN B 157 -14.15 -26.22 -17.93
C GLN B 157 -13.43 -27.42 -17.36
N ALA B 158 -12.27 -27.75 -17.93
CA ALA B 158 -11.52 -28.93 -17.47
C ALA B 158 -11.08 -28.79 -16.01
N LEU B 159 -10.59 -27.59 -15.66
CA LEU B 159 -10.21 -27.28 -14.28
C LEU B 159 -11.41 -27.42 -13.33
N ALA B 160 -12.53 -26.82 -13.72
CA ALA B 160 -13.73 -26.88 -12.89
C ALA B 160 -14.17 -28.31 -12.64
N ARG B 161 -14.10 -29.12 -13.69
CA ARG B 161 -14.44 -30.54 -13.58
C ARG B 161 -13.49 -31.32 -12.69
N ARG B 162 -12.19 -31.26 -12.97
CA ARG B 162 -11.19 -31.93 -12.14
C ARG B 162 -11.36 -31.62 -10.64
N LEU B 163 -11.51 -30.33 -10.31
CA LEU B 163 -11.49 -29.92 -8.90
C LEU B 163 -12.86 -29.66 -8.26
N ALA B 164 -13.93 -29.83 -9.02
CA ALA B 164 -15.28 -29.44 -8.57
C ALA B 164 -15.24 -28.05 -7.97
N THR B 165 -14.81 -27.10 -8.79
CA THR B 165 -14.61 -25.73 -8.35
C THR B 165 -15.31 -24.86 -9.39
N VAL B 166 -15.51 -23.61 -9.05
CA VAL B 166 -15.99 -22.62 -10.00
C VAL B 166 -14.78 -21.85 -10.50
N VAL B 167 -14.68 -21.71 -11.82
CA VAL B 167 -13.57 -21.01 -12.46
C VAL B 167 -14.10 -19.80 -13.22
N ALA B 168 -13.52 -18.63 -12.93
CA ALA B 168 -13.85 -17.42 -13.64
C ALA B 168 -12.62 -16.94 -14.42
N VAL B 169 -12.81 -16.87 -15.74
CA VAL B 169 -11.84 -16.27 -16.65
C VAL B 169 -12.31 -14.86 -16.92
N THR B 170 -11.55 -13.89 -16.45
CA THR B 170 -11.97 -12.50 -16.52
C THR B 170 -11.24 -11.74 -17.61
N GLY B 171 -11.90 -10.69 -18.08
CA GLY B 171 -11.47 -9.95 -19.25
C GLY B 171 -12.55 -8.95 -19.62
N GLU B 172 -12.54 -8.49 -20.86
CA GLU B 172 -13.54 -7.55 -21.33
C GLU B 172 -14.91 -8.18 -21.16
N VAL B 173 -15.00 -9.47 -21.41
CA VAL B 173 -16.14 -10.27 -20.99
C VAL B 173 -15.60 -11.28 -19.99
N ASP B 174 -16.29 -11.44 -18.88
CA ASP B 174 -15.96 -12.49 -17.93
C ASP B 174 -16.73 -13.79 -18.26
N TYR B 175 -16.10 -14.94 -18.02
CA TYR B 175 -16.72 -16.25 -18.22
C TYR B 175 -16.58 -17.04 -16.96
N VAL B 176 -17.70 -17.54 -16.47
CA VAL B 176 -17.71 -18.30 -15.22
C VAL B 176 -18.28 -19.69 -15.49
N THR B 177 -17.59 -20.72 -15.00
CA THR B 177 -18.05 -22.07 -15.24
C THR B 177 -17.85 -23.00 -14.05
N ASP B 178 -18.78 -23.95 -13.91
CA ASP B 178 -18.65 -25.03 -12.94
C ASP B 178 -18.27 -26.31 -13.66
N GLY B 179 -17.95 -26.19 -14.93
CA GLY B 179 -17.54 -27.34 -15.72
C GLY B 179 -18.69 -27.91 -16.53
N GLU B 180 -19.92 -27.56 -16.17
CA GLU B 180 -21.10 -27.96 -16.95
C GLU B 180 -21.72 -26.73 -17.59
N ARG B 181 -22.23 -25.83 -16.76
CA ARG B 181 -22.76 -24.56 -17.22
C ARG B 181 -21.64 -23.52 -17.43
N VAL B 182 -21.87 -22.57 -18.34
CA VAL B 182 -20.96 -21.44 -18.56
C VAL B 182 -21.78 -20.16 -18.65
N LEU B 183 -21.44 -19.16 -17.84
CA LEU B 183 -22.11 -17.86 -17.86
C LEU B 183 -21.14 -16.77 -18.30
N SER B 184 -21.62 -15.86 -19.15
CA SER B 184 -20.81 -14.77 -19.63
C SER B 184 -21.35 -13.51 -18.99
N VAL B 185 -20.45 -12.58 -18.68
CA VAL B 185 -20.81 -11.30 -18.11
C VAL B 185 -20.07 -10.22 -18.85
N ALA B 186 -20.83 -9.37 -19.53
CA ALA B 186 -20.29 -8.24 -20.30
C ALA B 186 -20.63 -6.93 -19.60
N GLY B 187 -20.07 -5.83 -20.09
CA GLY B 187 -20.28 -4.53 -19.48
C GLY B 187 -18.95 -3.95 -19.02
N GLY B 188 -18.99 -3.09 -18.00
CA GLY B 188 -17.77 -2.48 -17.50
C GLY B 188 -17.21 -1.44 -18.47
N ASN B 189 -15.89 -1.34 -18.55
CA ASN B 189 -15.22 -0.32 -19.36
C ASN B 189 -13.71 -0.57 -19.40
N PRO B 190 -13.08 -0.40 -20.58
CA PRO B 190 -11.63 -0.66 -20.70
C PRO B 190 -10.80 0.10 -19.67
N LEU B 191 -11.31 1.24 -19.21
CA LEU B 191 -10.57 2.06 -18.24
C LEU B 191 -10.21 1.23 -17.01
N MET B 192 -10.97 0.18 -16.72
CA MET B 192 -10.72 -0.63 -15.53
C MET B 192 -9.34 -1.27 -15.58
N THR B 193 -8.84 -1.50 -16.80
CA THR B 193 -7.54 -2.12 -17.00
C THR B 193 -6.37 -1.14 -16.77
N ARG B 194 -6.68 0.15 -16.65
CA ARG B 194 -5.66 1.17 -16.45
C ARG B 194 -5.57 1.60 -14.99
N VAL B 195 -6.17 0.77 -14.15
CA VAL B 195 -6.24 0.95 -12.72
C VAL B 195 -5.78 -0.35 -12.09
N VAL B 196 -4.77 -0.31 -11.23
CA VAL B 196 -4.21 -1.57 -10.74
C VAL B 196 -5.16 -2.17 -9.73
N GLY B 197 -5.24 -3.50 -9.70
CA GLY B 197 -5.96 -4.17 -8.62
C GLY B 197 -7.45 -4.33 -8.79
N THR B 198 -8.02 -3.88 -9.89
CA THR B 198 -9.45 -4.10 -10.11
C THR B 198 -9.74 -5.61 -10.21
N GLY B 199 -8.82 -6.38 -10.81
CA GLY B 199 -8.99 -7.82 -10.88
C GLY B 199 -8.75 -8.52 -9.56
N CYS B 200 -7.75 -8.03 -8.83
CA CYS B 200 -7.41 -8.53 -7.52
C CYS B 200 -8.55 -8.28 -6.56
N ALA B 201 -9.19 -7.12 -6.70
CA ALA B 201 -10.31 -6.77 -5.83
C ALA B 201 -11.53 -7.58 -6.20
N LEU B 202 -11.75 -7.77 -7.53
CA LEU B 202 -12.79 -8.71 -7.96
C LEU B 202 -12.62 -10.07 -7.28
N SER B 203 -11.41 -10.60 -7.24
CA SER B 203 -11.20 -11.91 -6.57
C SER B 203 -11.62 -11.91 -5.07
N ALA B 204 -11.48 -10.77 -4.41
CA ALA B 204 -11.82 -10.68 -2.99
C ALA B 204 -13.34 -10.73 -2.84
N VAL B 205 -14.01 -10.02 -3.72
CA VAL B 205 -15.47 -10.06 -3.71
C VAL B 205 -16.04 -11.44 -4.13
N VAL B 206 -15.39 -12.10 -5.09
CA VAL B 206 -15.69 -13.48 -5.44
C VAL B 206 -15.48 -14.40 -4.23
N ALA B 207 -14.35 -14.20 -3.52
CA ALA B 207 -14.05 -14.99 -2.32
C ALA B 207 -15.15 -14.82 -1.26
N ALA B 208 -15.53 -13.57 -1.02
CA ALA B 208 -16.63 -13.29 -0.12
C ALA B 208 -17.94 -13.96 -0.60
N SER B 209 -18.19 -13.90 -1.90
CA SER B 209 -19.43 -14.43 -2.45
C SER B 209 -19.57 -15.93 -2.26
N ALA B 210 -18.46 -16.64 -2.30
CA ALA B 210 -18.45 -18.08 -1.99
C ALA B 210 -18.93 -18.48 -0.58
N ALA B 211 -18.88 -17.57 0.39
CA ALA B 211 -19.35 -17.86 1.74
C ALA B 211 -20.86 -17.59 1.88
N LEU B 212 -21.45 -17.02 0.85
CA LEU B 212 -22.86 -16.69 0.84
C LEU B 212 -23.75 -17.84 0.36
N PRO B 213 -25.02 -17.84 0.78
CA PRO B 213 -25.97 -18.85 0.28
C PRO B 213 -26.32 -18.65 -1.18
N GLY B 214 -26.74 -19.74 -1.82
CA GLY B 214 -27.12 -19.68 -3.22
C GLY B 214 -26.24 -20.57 -4.05
N ASP B 215 -26.51 -20.59 -5.36
CA ASP B 215 -25.67 -21.30 -6.32
C ASP B 215 -24.32 -20.60 -6.42
N ARG B 216 -23.25 -21.32 -6.17
CA ARG B 216 -21.91 -20.75 -6.15
C ARG B 216 -21.56 -20.14 -7.53
N LEU B 217 -21.79 -20.90 -8.61
CA LEU B 217 -21.55 -20.38 -9.95
C LEU B 217 -22.28 -19.06 -10.17
N GLU B 218 -23.57 -19.05 -9.89
CA GLU B 218 -24.35 -17.84 -10.06
C GLU B 218 -23.87 -16.70 -9.16
N ASN B 219 -23.41 -17.01 -7.95
CA ASN B 219 -22.92 -15.92 -7.10
C ASN B 219 -21.63 -15.32 -7.64
N VAL B 220 -20.77 -16.17 -8.17
CA VAL B 220 -19.51 -15.67 -8.78
C VAL B 220 -19.78 -14.81 -10.02
N ALA B 221 -20.72 -15.26 -10.86
CA ALA B 221 -21.14 -14.44 -11.99
C ALA B 221 -21.76 -13.11 -11.54
N ALA B 222 -22.57 -13.13 -10.50
CA ALA B 222 -23.10 -11.89 -9.96
C ALA B 222 -21.96 -10.96 -9.45
N ALA B 223 -20.96 -11.52 -8.77
CA ALA B 223 -19.81 -10.71 -8.32
C ALA B 223 -19.14 -9.99 -9.52
N CYS B 224 -18.91 -10.75 -10.59
CA CYS B 224 -18.34 -10.16 -11.80
C CYS B 224 -19.22 -9.00 -12.34
N GLY B 225 -20.54 -9.23 -12.35
CA GLY B 225 -21.50 -8.21 -12.76
C GLY B 225 -21.51 -6.97 -11.86
N LEU B 226 -21.40 -7.21 -10.56
CA LEU B 226 -21.31 -6.13 -9.56
C LEU B 226 -20.10 -5.22 -9.86
N MET B 227 -18.94 -5.84 -10.07
CA MET B 227 -17.74 -5.05 -10.31
C MET B 227 -17.78 -4.33 -11.67
N LYS B 228 -18.30 -4.99 -12.69
CA LYS B 228 -18.48 -4.31 -13.96
C LYS B 228 -19.46 -3.15 -13.91
N GLN B 229 -20.56 -3.33 -13.20
CA GLN B 229 -21.56 -2.28 -13.04
C GLN B 229 -21.00 -1.06 -12.30
N ALA B 230 -20.29 -1.29 -11.21
CA ALA B 230 -19.59 -0.20 -10.53
C ALA B 230 -18.55 0.45 -11.47
N GLY B 231 -17.83 -0.38 -12.23
CA GLY B 231 -16.81 0.14 -13.12
C GLY B 231 -17.35 1.01 -14.26
N GLU B 232 -18.49 0.62 -14.83
CA GLU B 232 -19.09 1.42 -15.90
C GLU B 232 -19.43 2.81 -15.36
N ILE B 233 -20.04 2.87 -14.19
CA ILE B 233 -20.34 4.14 -13.52
C ILE B 233 -19.06 4.94 -13.31
N ALA B 234 -18.09 4.34 -12.62
CA ALA B 234 -16.85 5.05 -12.29
C ALA B 234 -16.09 5.54 -13.51
N ALA B 235 -16.22 4.84 -14.64
CA ALA B 235 -15.46 5.19 -15.81
C ALA B 235 -15.97 6.45 -16.50
N ARG B 236 -17.13 6.97 -16.09
CA ARG B 236 -17.74 8.09 -16.82
C ARG B 236 -16.92 9.38 -16.76
N GLN B 237 -16.33 9.66 -15.60
CA GLN B 237 -15.42 10.81 -15.45
C GLN B 237 -14.38 10.85 -16.55
N GLY B 238 -13.93 9.67 -16.97
CA GLY B 238 -13.03 9.53 -18.10
C GLY B 238 -11.58 9.21 -17.77
N GLY B 239 -11.15 9.45 -16.52
CA GLY B 239 -9.76 9.24 -16.13
C GLY B 239 -9.55 8.22 -15.02
N PRO B 240 -8.35 7.60 -14.98
CA PRO B 240 -8.17 6.50 -14.02
C PRO B 240 -7.97 6.99 -12.61
N GLY B 241 -7.64 8.26 -12.42
CA GLY B 241 -7.47 8.81 -11.09
C GLY B 241 -8.82 8.96 -10.44
N SER B 242 -9.72 9.61 -11.16
CA SER B 242 -11.06 9.88 -10.63
C SER B 242 -11.92 8.62 -10.58
N PHE B 243 -11.53 7.64 -11.39
CA PHE B 243 -12.17 6.32 -11.38
C PHE B 243 -12.21 5.72 -9.98
N ILE B 244 -11.10 5.79 -9.25
CA ILE B 244 -11.01 5.06 -7.99
C ILE B 244 -12.04 5.48 -6.92
N PRO B 245 -12.02 6.77 -6.54
CA PRO B 245 -13.07 7.20 -5.59
C PRO B 245 -14.48 6.95 -6.09
N ALA B 246 -14.73 7.13 -7.37
CA ALA B 246 -16.07 6.93 -7.92
C ALA B 246 -16.46 5.45 -7.90
N PHE B 247 -15.47 4.58 -8.09
CA PHE B 247 -15.68 3.13 -8.12
C PHE B 247 -16.14 2.71 -6.77
N LEU B 248 -15.35 3.13 -5.78
CA LEU B 248 -15.67 2.84 -4.40
C LEU B 248 -17.02 3.44 -4.00
N ASP B 249 -17.29 4.67 -4.41
CA ASP B 249 -18.60 5.26 -4.15
C ASP B 249 -19.71 4.39 -4.77
N ALA B 250 -19.49 3.93 -6.00
CA ALA B 250 -20.55 3.15 -6.71
C ALA B 250 -20.82 1.82 -6.03
N LEU B 251 -19.78 1.19 -5.49
CA LEU B 251 -19.98 -0.05 -4.71
C LEU B 251 -20.81 0.09 -3.42
N TYR B 252 -20.79 1.28 -2.84
CA TYR B 252 -21.36 1.50 -1.52
C TYR B 252 -22.84 1.91 -1.59
N PRO C 7 -12.56 21.87 22.11
CA PRO C 7 -12.41 22.35 20.72
C PRO C 7 -11.19 23.24 20.54
N ALA C 8 -10.82 24.00 21.59
CA ALA C 8 -9.71 24.92 21.48
C ALA C 8 -8.38 24.19 21.29
N PRO C 9 -8.09 23.21 22.16
CA PRO C 9 -6.87 22.44 21.99
C PRO C 9 -6.76 21.76 20.62
N VAL C 10 -7.89 21.49 19.95
CA VAL C 10 -7.85 20.85 18.62
C VAL C 10 -7.29 21.84 17.62
N ALA C 11 -7.89 23.03 17.59
CA ALA C 11 -7.40 24.11 16.74
C ALA C 11 -5.91 24.41 17.03
N HIS C 12 -5.56 24.40 18.31
CA HIS C 12 -4.18 24.64 18.71
C HIS C 12 -3.25 23.55 18.16
N LEU C 13 -3.64 22.30 18.36
CA LEU C 13 -2.87 21.16 17.89
C LEU C 13 -2.61 21.27 16.39
N ARG C 14 -3.64 21.64 15.66
CA ARG C 14 -3.52 21.82 14.23
C ARG C 14 -2.38 22.76 13.86
N HIS C 15 -2.25 23.88 14.57
CA HIS C 15 -1.14 24.81 14.31
C HIS C 15 0.18 24.27 14.83
N LEU C 16 0.19 23.59 15.98
CA LEU C 16 1.45 23.05 16.49
C LEU C 16 2.06 21.95 15.63
N LEU C 17 1.22 21.07 15.08
CA LEU C 17 1.71 20.04 14.16
C LEU C 17 2.37 20.66 12.96
N ARG C 18 1.76 21.71 12.41
CA ARG C 18 2.32 22.38 11.26
C ARG C 18 3.62 23.11 11.63
N ALA C 19 3.60 23.82 12.74
CA ALA C 19 4.79 24.52 13.21
C ALA C 19 5.99 23.61 13.52
N HIS C 20 5.78 22.51 14.24
CA HIS C 20 6.88 21.61 14.62
C HIS C 20 7.28 20.62 13.55
N SER C 21 6.35 20.27 12.68
CA SER C 21 6.58 19.28 11.61
C SER C 21 7.31 18.06 12.14
N PRO C 22 6.71 17.40 13.12
CA PRO C 22 7.40 16.26 13.75
C PRO C 22 7.70 15.16 12.73
N LEU C 23 8.87 14.61 12.88
CA LEU C 23 9.34 13.50 12.09
C LEU C 23 8.92 12.20 12.79
N VAL C 24 7.95 11.50 12.19
CA VAL C 24 7.42 10.28 12.81
C VAL C 24 7.94 9.02 12.12
N HIS C 25 8.61 8.18 12.91
CA HIS C 25 9.05 6.87 12.45
C HIS C 25 7.84 5.93 12.50
N CYS C 26 7.36 5.48 11.34
CA CYS C 26 6.14 4.66 11.28
C CYS C 26 6.47 3.22 10.96
N MET C 27 6.26 2.31 11.94
CA MET C 27 6.30 0.88 11.71
C MET C 27 4.85 0.42 11.81
N THR C 28 4.14 0.44 10.67
CA THR C 28 2.71 0.16 10.70
C THR C 28 2.36 -0.93 9.69
N ASN C 29 1.07 -1.23 9.54
CA ASN C 29 0.72 -2.45 8.82
C ASN C 29 0.66 -2.23 7.30
N ASP C 30 0.70 -3.35 6.60
CA ASP C 30 0.77 -3.34 5.14
C ASP C 30 -0.44 -2.69 4.49
N VAL C 31 -1.54 -2.53 5.20
CA VAL C 31 -2.75 -2.06 4.55
C VAL C 31 -2.88 -0.53 4.60
N VAL C 32 -2.11 0.11 5.47
CA VAL C 32 -2.32 1.53 5.75
C VAL C 32 -1.09 2.40 5.56
N GLN C 33 -0.04 1.87 4.93
CA GLN C 33 1.21 2.59 4.72
C GLN C 33 0.98 3.94 4.06
N THR C 34 0.30 3.89 2.92
CA THR C 34 0.23 5.03 2.04
C THR C 34 -0.60 6.07 2.74
N PHE C 35 -1.74 5.65 3.27
CA PHE C 35 -2.69 6.58 3.85
C PHE C 35 -2.12 7.22 5.12
N THR C 36 -1.42 6.41 5.92
CA THR C 36 -0.77 6.93 7.11
C THR C 36 0.23 8.02 6.73
N ALA C 37 1.06 7.73 5.73
CA ALA C 37 2.00 8.74 5.25
C ALA C 37 1.29 9.99 4.77
N ASN C 38 0.25 9.84 3.97
CA ASN C 38 -0.40 11.01 3.42
C ASN C 38 -1.14 11.84 4.49
N VAL C 39 -1.70 11.17 5.49
CA VAL C 39 -2.33 11.88 6.60
C VAL C 39 -1.28 12.69 7.38
N LEU C 40 -0.15 12.06 7.68
CA LEU C 40 0.91 12.77 8.36
C LEU C 40 1.45 13.96 7.57
N LEU C 41 1.61 13.77 6.25
CA LEU C 41 1.91 14.91 5.36
C LEU C 41 0.80 15.97 5.33
N ALA C 42 -0.46 15.55 5.28
CA ALA C 42 -1.57 16.52 5.23
C ALA C 42 -1.62 17.42 6.50
N VAL C 43 -1.23 16.88 7.65
CA VAL C 43 -1.24 17.65 8.91
C VAL C 43 0.02 18.48 9.14
N GLY C 44 1.00 18.34 8.23
CA GLY C 44 2.23 19.09 8.31
C GLY C 44 3.38 18.37 8.96
N ALA C 45 3.20 17.10 9.31
CA ALA C 45 4.28 16.29 9.84
C ALA C 45 5.07 15.64 8.71
N SER C 46 6.05 14.81 9.08
CA SER C 46 6.89 14.13 8.11
C SER C 46 6.96 12.65 8.45
N PRO C 47 6.38 11.78 7.60
CA PRO C 47 6.41 10.33 7.82
C PRO C 47 7.69 9.69 7.34
N ALA C 48 8.12 8.65 8.03
CA ALA C 48 9.25 7.88 7.56
C ALA C 48 9.04 6.44 7.94
N MET C 49 8.97 5.56 6.93
CA MET C 49 8.81 4.13 7.16
C MET C 49 10.16 3.40 7.05
N VAL C 50 10.70 2.98 8.18
CA VAL C 50 11.99 2.31 8.21
C VAL C 50 11.85 1.00 8.92
N ILE C 51 12.24 -0.09 8.27
CA ILE C 51 11.83 -1.39 8.80
C ILE C 51 12.95 -2.40 8.95
N ASP C 52 14.09 -2.18 8.30
CA ASP C 52 15.25 -3.02 8.58
C ASP C 52 15.64 -2.85 10.06
N PRO C 53 16.01 -3.95 10.77
CA PRO C 53 16.35 -3.83 12.20
C PRO C 53 17.42 -2.78 12.52
N ARG C 54 18.50 -2.83 11.77
CA ARG C 54 19.60 -1.90 12.01
C ARG C 54 19.20 -0.45 11.67
N GLU C 55 18.56 -0.27 10.50
CA GLU C 55 18.10 1.07 10.12
C GLU C 55 17.06 1.59 11.11
N ALA C 56 16.17 0.73 11.57
CA ALA C 56 15.11 1.20 12.45
C ALA C 56 15.68 1.60 13.80
N ALA C 57 16.68 0.85 14.27
CA ALA C 57 17.38 1.25 15.49
C ALA C 57 18.05 2.61 15.31
N GLN C 58 18.77 2.78 14.20
CA GLN C 58 19.39 4.06 13.91
C GLN C 58 18.35 5.16 13.88
N PHE C 59 17.27 4.94 13.14
CA PHE C 59 16.36 6.02 12.84
C PHE C 59 15.48 6.37 14.01
N ALA C 60 15.13 5.38 14.82
CA ALA C 60 14.27 5.61 15.99
C ALA C 60 14.91 6.59 16.99
N ALA C 61 16.23 6.67 16.97
CA ALA C 61 16.98 7.59 17.80
C ALA C 61 16.85 9.03 17.30
N ILE C 62 16.67 9.12 15.98
CA ILE C 62 16.69 10.39 15.25
C ILE C 62 15.31 11.00 15.17
N ALA C 63 14.31 10.16 14.94
CA ALA C 63 12.95 10.66 14.72
C ALA C 63 12.42 11.33 15.97
N ASP C 64 11.41 12.18 15.81
CA ASP C 64 10.77 12.85 16.94
C ASP C 64 9.84 11.93 17.74
N ALA C 65 9.32 10.91 17.08
CA ALA C 65 8.37 10.00 17.70
C ALA C 65 8.34 8.70 16.92
N LEU C 66 7.93 7.63 17.58
CA LEU C 66 7.83 6.30 16.96
C LEU C 66 6.43 5.73 17.06
N LEU C 67 5.91 5.18 15.95
CA LEU C 67 4.65 4.43 15.94
C LEU C 67 4.91 2.96 15.69
N ILE C 68 4.30 2.13 16.55
CA ILE C 68 4.29 0.69 16.41
C ILE C 68 2.82 0.28 16.21
N ASN C 69 2.52 -0.29 15.04
CA ASN C 69 1.17 -0.77 14.74
C ASN C 69 1.33 -2.21 14.27
N VAL C 70 0.66 -3.13 14.97
CA VAL C 70 0.92 -4.55 14.76
C VAL C 70 -0.12 -5.21 13.82
N GLY C 71 -0.83 -4.38 13.10
CA GLY C 71 -1.88 -4.86 12.19
C GLY C 71 -1.57 -6.04 11.28
N THR C 72 -0.34 -6.11 10.75
CA THR C 72 0.08 -7.23 9.89
C THR C 72 1.42 -7.77 10.35
N LEU C 73 1.48 -8.10 11.63
CA LEU C 73 2.70 -8.53 12.26
C LEU C 73 3.31 -9.76 11.64
N THR C 74 4.62 -9.73 11.51
CA THR C 74 5.41 -10.89 11.24
C THR C 74 6.52 -10.95 12.26
N GLU C 75 7.19 -12.08 12.28
CA GLU C 75 8.28 -12.31 13.23
C GLU C 75 9.49 -11.38 12.94
N ASP C 76 9.91 -11.32 11.67
CA ASP C 76 11.00 -10.43 11.26
C ASP C 76 10.71 -8.99 11.61
N ARG C 77 9.47 -8.58 11.44
CA ARG C 77 9.12 -7.20 11.68
C ARG C 77 9.06 -6.94 13.18
N ALA C 78 8.60 -7.92 13.95
CA ALA C 78 8.53 -7.74 15.38
C ALA C 78 9.96 -7.55 15.95
N VAL C 79 10.92 -8.26 15.39
CA VAL C 79 12.32 -8.02 15.76
C VAL C 79 12.73 -6.55 15.54
N ALA C 80 12.42 -6.04 14.36
CA ALA C 80 12.79 -4.66 14.03
C ALA C 80 12.04 -3.70 14.95
N MET C 81 10.77 -4.00 15.21
CA MET C 81 9.96 -3.14 16.06
C MET C 81 10.54 -3.09 17.48
N ARG C 82 11.01 -4.22 17.96
CA ARG C 82 11.63 -4.23 19.28
C ARG C 82 12.91 -3.37 19.29
N ALA C 83 13.78 -3.58 18.30
CA ALA C 83 15.00 -2.75 18.18
C ALA C 83 14.69 -1.23 18.15
N ALA C 84 13.66 -0.87 17.40
CA ALA C 84 13.22 0.53 17.32
C ALA C 84 12.79 1.04 18.67
N VAL C 85 11.89 0.31 19.31
CA VAL C 85 11.33 0.76 20.58
C VAL C 85 12.48 0.98 21.58
N GLU C 86 13.42 0.03 21.62
CA GLU C 86 14.52 0.12 22.59
C GLU C 86 15.40 1.34 22.36
N HIS C 87 15.72 1.59 21.08
CA HIS C 87 16.55 2.75 20.77
C HIS C 87 15.82 4.08 20.90
N ALA C 88 14.51 4.10 20.67
CA ALA C 88 13.71 5.28 20.94
C ALA C 88 13.68 5.62 22.44
N ARG C 89 13.50 4.59 23.26
CA ARG C 89 13.50 4.79 24.70
C ARG C 89 14.85 5.30 25.18
N GLN C 90 15.94 4.66 24.74
CA GLN C 90 17.27 5.13 25.08
C GLN C 90 17.49 6.60 24.69
N ALA C 91 16.89 7.06 23.59
CA ALA C 91 17.08 8.44 23.11
C ALA C 91 16.02 9.42 23.62
N GLY C 92 15.10 8.95 24.43
CA GLY C 92 14.05 9.79 24.99
C GLY C 92 12.96 10.20 24.02
N LYS C 93 12.76 9.46 22.92
CA LYS C 93 11.72 9.82 21.98
C LYS C 93 10.44 9.04 22.33
N PRO C 94 9.30 9.72 22.40
CA PRO C 94 8.07 9.02 22.77
C PRO C 94 7.63 8.01 21.69
N TRP C 95 7.21 6.83 22.13
CA TRP C 95 6.74 5.81 21.21
C TRP C 95 5.33 5.40 21.57
N THR C 96 4.60 5.05 20.52
CA THR C 96 3.15 4.85 20.58
C THR C 96 2.79 3.43 20.10
N LEU C 97 1.84 2.80 20.79
CA LEU C 97 1.41 1.43 20.48
C LEU C 97 0.00 1.40 19.93
N ASP C 98 -0.17 0.75 18.78
CA ASP C 98 -1.50 0.52 18.24
C ASP C 98 -1.69 -1.00 18.20
N PRO C 99 -2.40 -1.57 19.19
CA PRO C 99 -2.46 -3.03 19.33
C PRO C 99 -3.56 -3.65 18.45
N VAL C 100 -3.44 -3.48 17.13
CA VAL C 100 -4.50 -3.92 16.18
C VAL C 100 -4.84 -5.42 16.36
N ALA C 101 -6.10 -5.69 16.70
CA ALA C 101 -6.62 -7.05 16.85
C ALA C 101 -5.97 -7.84 17.99
N VAL C 102 -5.39 -7.12 18.95
CA VAL C 102 -4.95 -7.77 20.18
C VAL C 102 -6.20 -8.30 20.87
N GLY C 103 -6.11 -9.53 21.38
CA GLY C 103 -7.26 -10.22 21.95
C GLY C 103 -7.88 -11.23 20.99
N ALA C 104 -7.64 -11.04 19.69
CA ALA C 104 -8.27 -11.89 18.66
C ALA C 104 -7.23 -12.81 18.02
N LEU C 105 -5.99 -12.33 17.96
CA LEU C 105 -4.88 -13.15 17.48
C LEU C 105 -3.81 -13.27 18.56
N THR C 106 -3.31 -14.48 18.76
CA THR C 106 -2.50 -14.75 19.95
C THR C 106 -1.07 -14.21 19.86
N VAL C 107 -0.40 -14.41 18.70
CA VAL C 107 1.00 -14.03 18.55
C VAL C 107 1.20 -12.54 18.86
N ARG C 108 0.37 -11.69 18.24
CA ARG C 108 0.53 -10.25 18.40
C ARG C 108 0.12 -9.82 19.80
N THR C 109 -0.79 -10.56 20.42
CA THR C 109 -1.21 -10.25 21.80
C THR C 109 0.01 -10.46 22.71
N ALA C 110 0.64 -11.62 22.59
CA ALA C 110 1.85 -11.88 23.36
C ALA C 110 2.94 -10.84 23.06
N PHE C 111 3.16 -10.54 21.79
CA PHE C 111 4.14 -9.52 21.42
C PHE C 111 3.87 -8.16 22.10
N CYS C 112 2.63 -7.69 22.02
CA CYS C 112 2.29 -6.40 22.60
C CYS C 112 2.42 -6.39 24.13
N HIS C 113 2.08 -7.51 24.76
CA HIS C 113 2.31 -7.62 26.20
C HIS C 113 3.80 -7.48 26.49
N GLU C 114 4.63 -8.14 25.70
CA GLU C 114 6.08 -7.98 25.80
C GLU C 114 6.48 -6.49 25.66
N LEU C 115 5.91 -5.79 24.68
CA LEU C 115 6.27 -4.37 24.48
C LEU C 115 5.82 -3.43 25.61
N LEU C 116 4.69 -3.69 26.25
CA LEU C 116 4.26 -2.82 27.37
C LEU C 116 5.34 -2.55 28.42
N ALA C 117 6.22 -3.52 28.64
CA ALA C 117 7.34 -3.37 29.57
C ALA C 117 8.25 -2.22 29.16
N LEU C 118 8.27 -1.88 27.87
CA LEU C 118 9.24 -0.90 27.35
C LEU C 118 8.70 0.51 27.36
N GLN C 119 7.58 0.71 28.06
CA GLN C 119 7.10 2.04 28.42
C GLN C 119 6.73 2.95 27.24
N PRO C 120 5.57 2.67 26.62
CA PRO C 120 5.05 3.55 25.56
C PRO C 120 4.55 4.86 26.14
N ALA C 121 4.69 5.98 25.44
CA ALA C 121 4.12 7.25 25.87
C ALA C 121 2.61 7.25 25.67
N ALA C 122 2.14 6.54 24.66
CA ALA C 122 0.70 6.41 24.47
C ALA C 122 0.31 5.06 23.87
N ILE C 123 -0.94 4.69 24.14
CA ILE C 123 -1.53 3.51 23.55
C ILE C 123 -2.87 3.88 22.96
N ARG C 124 -3.16 3.47 21.73
CA ARG C 124 -4.50 3.74 21.21
C ARG C 124 -5.07 2.53 20.47
N GLY C 125 -6.28 2.21 20.88
CA GLY C 125 -6.93 0.99 20.43
C GLY C 125 -8.41 1.12 20.58
N ASN C 126 -9.18 0.15 20.06
CA ASN C 126 -10.62 0.13 20.31
C ASN C 126 -10.92 -0.59 21.63
N ALA C 127 -12.20 -0.66 21.97
CA ALA C 127 -12.63 -1.29 23.23
C ALA C 127 -12.05 -2.68 23.44
N SER C 128 -12.21 -3.56 22.44
CA SER C 128 -11.78 -4.96 22.64
C SER C 128 -10.27 -5.09 22.77
N GLU C 129 -9.53 -4.28 22.00
CA GLU C 129 -8.08 -4.34 22.05
C GLU C 129 -7.55 -3.85 23.40
N ILE C 130 -8.13 -2.78 23.91
CA ILE C 130 -7.67 -2.17 25.16
C ILE C 130 -8.05 -3.07 26.34
N LEU C 131 -9.28 -3.58 26.32
CA LEU C 131 -9.67 -4.60 27.28
C LEU C 131 -8.70 -5.78 27.27
N ALA C 132 -8.38 -6.33 26.09
CA ALA C 132 -7.48 -7.49 26.04
C ALA C 132 -6.04 -7.14 26.45
N LEU C 133 -5.59 -5.96 26.06
CA LEU C 133 -4.26 -5.49 26.43
C LEU C 133 -4.14 -5.28 27.96
N ALA C 134 -5.21 -4.76 28.56
CA ALA C 134 -5.25 -4.55 30.00
C ALA C 134 -5.39 -5.87 30.73
N GLY C 135 -6.06 -6.83 30.07
CA GLY C 135 -6.33 -8.13 30.66
C GLY C 135 -7.65 -8.16 31.38
N MET C 136 -8.60 -7.35 30.92
CA MET C 136 -9.93 -7.24 31.53
C MET C 136 -10.97 -7.85 30.59
N SER C 137 -11.97 -8.52 31.16
CA SER C 137 -13.05 -9.10 30.38
C SER C 137 -14.21 -8.12 30.19
N ALA C 138 -15.19 -8.51 29.38
CA ALA C 138 -16.43 -7.76 29.19
C ALA C 138 -16.19 -6.32 28.77
N THR C 148 -19.45 2.84 22.26
CA THR C 148 -18.75 1.59 22.07
C THR C 148 -17.51 1.50 22.97
N ALA C 149 -16.83 2.63 23.18
CA ALA C 149 -15.56 2.64 23.91
C ALA C 149 -15.71 2.71 25.43
N ALA C 150 -16.78 3.35 25.90
CA ALA C 150 -17.00 3.55 27.34
C ALA C 150 -16.72 2.29 28.17
N ALA C 151 -17.12 1.13 27.63
CA ALA C 151 -17.02 -0.13 28.37
C ALA C 151 -15.60 -0.53 28.75
N ALA C 152 -14.62 -0.03 27.98
CA ALA C 152 -13.23 -0.36 28.22
C ALA C 152 -12.51 0.74 29.01
N LEU C 153 -13.27 1.75 29.41
CA LEU C 153 -12.65 2.86 30.13
C LEU C 153 -11.97 2.42 31.42
N PRO C 154 -12.58 1.49 32.18
CA PRO C 154 -11.88 0.94 33.34
C PRO C 154 -10.52 0.33 33.02
N ALA C 155 -10.50 -0.49 31.97
CA ALA C 155 -9.26 -1.10 31.50
C ALA C 155 -8.24 -0.04 31.11
N ALA C 156 -8.70 0.97 30.38
CA ALA C 156 -7.86 2.09 29.99
C ALA C 156 -7.17 2.71 31.22
N GLN C 157 -7.98 3.30 32.09
CA GLN C 157 -7.51 3.87 33.35
C GLN C 157 -6.49 2.97 34.04
N ALA C 158 -6.88 1.71 34.23
CA ALA C 158 -6.02 0.75 34.89
C ALA C 158 -4.67 0.67 34.21
N LEU C 159 -4.70 0.70 32.87
CA LEU C 159 -3.52 0.44 32.09
C LEU C 159 -2.60 1.66 32.18
N ALA C 160 -3.22 2.84 32.02
CA ALA C 160 -2.53 4.11 32.14
C ALA C 160 -1.76 4.21 33.46
N ARG C 161 -2.43 3.90 34.57
CA ARG C 161 -1.80 3.98 35.89
C ARG C 161 -0.59 3.07 35.98
N ARG C 162 -0.80 1.78 35.70
CA ARG C 162 0.26 0.76 35.80
C ARG C 162 1.53 1.15 35.04
N LEU C 163 1.38 1.90 33.94
CA LEU C 163 2.47 2.14 33.01
C LEU C 163 2.91 3.60 32.97
N ALA C 164 2.12 4.47 33.58
CA ALA C 164 2.31 5.91 33.44
C ALA C 164 2.24 6.26 31.95
N THR C 165 1.15 5.84 31.31
CA THR C 165 0.91 6.09 29.89
C THR C 165 -0.34 6.91 29.72
N VAL C 166 -0.54 7.39 28.51
CA VAL C 166 -1.83 7.90 28.09
C VAL C 166 -2.48 6.85 27.19
N VAL C 167 -3.70 6.43 27.55
CA VAL C 167 -4.43 5.45 26.77
C VAL C 167 -5.62 6.11 26.13
N ALA C 168 -5.77 5.93 24.81
CA ALA C 168 -6.92 6.38 24.06
C ALA C 168 -7.71 5.16 23.53
N VAL C 169 -8.96 5.08 23.99
CA VAL C 169 -9.92 4.09 23.55
C VAL C 169 -10.87 4.75 22.60
N THR C 170 -10.89 4.30 21.35
CA THR C 170 -11.65 5.00 20.34
C THR C 170 -12.89 4.26 19.98
N GLY C 171 -13.82 4.98 19.37
CA GLY C 171 -15.10 4.45 18.97
C GLY C 171 -15.88 5.61 18.42
N GLU C 172 -17.20 5.51 18.39
CA GLU C 172 -18.02 6.63 17.95
C GLU C 172 -17.82 7.81 18.91
N VAL C 173 -17.40 7.50 20.15
CA VAL C 173 -16.86 8.48 21.09
C VAL C 173 -15.50 7.96 21.55
N ASP C 174 -14.48 8.84 21.52
CA ASP C 174 -13.15 8.52 22.03
C ASP C 174 -12.98 8.95 23.50
N TYR C 175 -12.37 8.09 24.30
CA TYR C 175 -11.96 8.43 25.66
C TYR C 175 -10.44 8.35 25.79
N VAL C 176 -9.85 9.36 26.43
CA VAL C 176 -8.39 9.40 26.64
C VAL C 176 -8.06 9.62 28.13
N THR C 177 -7.12 8.82 28.66
CA THR C 177 -6.83 8.89 30.09
C THR C 177 -5.37 8.65 30.45
N ASP C 178 -4.93 9.31 31.52
CA ASP C 178 -3.63 9.01 32.12
C ASP C 178 -3.78 8.21 33.41
N GLY C 179 -4.98 7.70 33.66
CA GLY C 179 -5.22 6.83 34.81
C GLY C 179 -6.04 7.49 35.91
N GLU C 180 -6.05 8.81 35.91
CA GLU C 180 -6.81 9.59 36.88
C GLU C 180 -7.78 10.47 36.13
N ARG C 181 -7.23 11.26 35.21
CA ARG C 181 -8.02 12.15 34.38
C ARG C 181 -8.62 11.40 33.17
N VAL C 182 -9.76 11.86 32.67
CA VAL C 182 -10.43 11.24 31.51
C VAL C 182 -11.04 12.32 30.67
N LEU C 183 -10.61 12.40 29.42
CA LEU C 183 -11.18 13.33 28.45
C LEU C 183 -11.95 12.54 27.39
N SER C 184 -13.10 13.06 27.01
CA SER C 184 -13.93 12.41 26.00
C SER C 184 -14.05 13.30 24.78
N VAL C 185 -14.08 12.68 23.61
CA VAL C 185 -14.28 13.39 22.35
C VAL C 185 -15.31 12.66 21.51
N ALA C 186 -16.34 13.40 21.09
CA ALA C 186 -17.40 12.87 20.22
C ALA C 186 -17.39 13.62 18.91
N GLY C 187 -18.26 13.19 18.00
CA GLY C 187 -18.30 13.70 16.63
C GLY C 187 -17.87 12.67 15.60
N GLY C 188 -17.48 13.14 14.42
CA GLY C 188 -17.02 12.26 13.37
C GLY C 188 -18.14 11.82 12.44
N ASN C 189 -18.19 10.52 12.15
CA ASN C 189 -19.18 9.98 11.24
C ASN C 189 -18.92 8.49 11.02
N PRO C 190 -19.98 7.66 11.03
CA PRO C 190 -19.69 6.23 10.95
C PRO C 190 -19.10 5.80 9.59
N LEU C 191 -19.24 6.61 8.54
CA LEU C 191 -18.57 6.36 7.27
C LEU C 191 -17.07 6.14 7.43
N MET C 192 -16.48 6.81 8.43
CA MET C 192 -15.06 6.66 8.72
C MET C 192 -14.69 5.19 8.92
N THR C 193 -15.67 4.38 9.33
CA THR C 193 -15.44 2.95 9.56
C THR C 193 -15.51 2.10 8.28
N ARG C 194 -15.99 2.69 7.18
CA ARG C 194 -16.09 1.96 5.91
C ARG C 194 -14.95 2.31 4.97
N VAL C 195 -13.89 2.83 5.59
CA VAL C 195 -12.66 3.27 4.96
C VAL C 195 -11.52 2.72 5.78
N VAL C 196 -10.56 2.03 5.16
CA VAL C 196 -9.56 1.34 5.95
C VAL C 196 -8.47 2.31 6.41
N GLY C 197 -7.97 2.06 7.60
CA GLY C 197 -6.82 2.81 8.11
C GLY C 197 -7.11 4.10 8.84
N THR C 198 -8.38 4.48 9.00
CA THR C 198 -8.66 5.75 9.66
C THR C 198 -8.20 5.67 11.12
N GLY C 199 -8.39 4.51 11.77
CA GLY C 199 -7.86 4.31 13.10
C GLY C 199 -6.34 4.32 13.09
N CYS C 200 -5.78 3.58 12.14
CA CYS C 200 -4.34 3.39 12.10
C CYS C 200 -3.67 4.74 11.86
N ALA C 201 -4.33 5.60 11.09
CA ALA C 201 -3.84 6.92 10.79
C ALA C 201 -3.98 7.83 12.01
N LEU C 202 -5.11 7.70 12.72
CA LEU C 202 -5.25 8.44 13.98
C LEU C 202 -4.09 8.12 14.94
N SER C 203 -3.71 6.85 15.03
CA SER C 203 -2.58 6.44 15.86
C SER C 203 -1.30 7.22 15.49
N ALA C 204 -1.08 7.40 14.20
CA ALA C 204 0.10 8.09 13.72
C ALA C 204 0.07 9.54 14.18
N VAL C 205 -1.07 10.18 14.01
CA VAL C 205 -1.19 11.57 14.46
C VAL C 205 -1.04 11.71 15.99
N VAL C 206 -1.52 10.70 16.71
CA VAL C 206 -1.36 10.63 18.15
C VAL C 206 0.12 10.55 18.47
N ALA C 207 0.81 9.71 17.70
CA ALA C 207 2.21 9.51 17.92
C ALA C 207 2.92 10.82 17.69
N ALA C 208 2.55 11.54 16.62
CA ALA C 208 3.14 12.85 16.36
C ALA C 208 2.87 13.78 17.55
N SER C 209 1.65 13.73 18.04
CA SER C 209 1.21 14.66 19.05
C SER C 209 1.91 14.51 20.38
N ALA C 210 2.24 13.28 20.73
CA ALA C 210 3.07 13.03 21.91
C ALA C 210 4.43 13.74 21.92
N ALA C 211 4.91 14.18 20.75
CA ALA C 211 6.21 14.84 20.66
C ALA C 211 6.09 16.36 20.71
N LEU C 212 4.86 16.86 20.81
CA LEU C 212 4.65 18.30 20.86
C LEU C 212 4.72 18.79 22.31
N PRO C 213 4.99 20.10 22.50
CA PRO C 213 4.98 20.67 23.85
C PRO C 213 3.56 20.76 24.42
N GLY C 214 3.47 20.78 25.74
CA GLY C 214 2.19 20.90 26.41
C GLY C 214 1.81 19.63 27.15
N ASP C 215 0.56 19.56 27.55
CA ASP C 215 0.04 18.42 28.26
C ASP C 215 -0.22 17.26 27.30
N ARG C 216 0.50 16.15 27.50
CA ARG C 216 0.40 14.97 26.65
C ARG C 216 -1.04 14.51 26.49
N LEU C 217 -1.70 14.24 27.63
CA LEU C 217 -3.09 13.78 27.62
C LEU C 217 -4.00 14.66 26.75
N GLU C 218 -3.90 15.97 26.96
CA GLU C 218 -4.70 16.93 26.23
C GLU C 218 -4.36 16.93 24.74
N ASN C 219 -3.09 16.69 24.43
CA ASN C 219 -2.66 16.69 23.03
C ASN C 219 -3.20 15.44 22.30
N VAL C 220 -3.17 14.29 22.97
CA VAL C 220 -3.70 13.05 22.42
C VAL C 220 -5.22 13.14 22.19
N ALA C 221 -5.92 13.70 23.17
CA ALA C 221 -7.35 14.00 22.97
C ALA C 221 -7.58 14.94 21.79
N ALA C 222 -6.79 16.02 21.71
CA ALA C 222 -6.93 16.93 20.58
C ALA C 222 -6.70 16.21 19.23
N ALA C 223 -5.73 15.30 19.20
CA ALA C 223 -5.50 14.49 17.98
C ALA C 223 -6.78 13.74 17.57
N CYS C 224 -7.39 13.07 18.56
CA CYS C 224 -8.67 12.42 18.32
C CYS C 224 -9.68 13.41 17.76
N GLY C 225 -9.71 14.62 18.31
CA GLY C 225 -10.66 15.59 17.81
C GLY C 225 -10.43 16.07 16.40
N LEU C 226 -9.15 16.32 16.10
CA LEU C 226 -8.74 16.75 14.77
C LEU C 226 -9.26 15.76 13.73
N MET C 227 -9.00 14.47 13.99
CA MET C 227 -9.42 13.44 13.03
C MET C 227 -10.96 13.35 12.95
N LYS C 228 -11.65 13.39 14.09
CA LYS C 228 -13.12 13.42 14.03
C LYS C 228 -13.67 14.61 13.21
N GLN C 229 -13.08 15.79 13.36
CA GLN C 229 -13.56 16.96 12.62
C GLN C 229 -13.39 16.81 11.12
N ALA C 230 -12.21 16.34 10.76
CA ALA C 230 -11.94 16.16 9.33
C ALA C 230 -12.88 15.07 8.75
N GLY C 231 -13.10 14.01 9.53
CA GLY C 231 -13.97 12.94 9.10
C GLY C 231 -15.38 13.44 8.90
N GLU C 232 -15.86 14.26 9.83
CA GLU C 232 -17.18 14.84 9.70
C GLU C 232 -17.29 15.65 8.40
N ILE C 233 -16.30 16.49 8.09
CA ILE C 233 -16.36 17.20 6.78
C ILE C 233 -16.26 16.24 5.57
N ALA C 234 -15.38 15.26 5.67
CA ALA C 234 -15.13 14.33 4.56
C ALA C 234 -16.36 13.47 4.29
N ALA C 235 -17.08 13.15 5.36
CA ALA C 235 -18.20 12.23 5.25
C ALA C 235 -19.40 12.78 4.47
N ARG C 236 -19.49 14.09 4.24
CA ARG C 236 -20.65 14.61 3.49
C ARG C 236 -20.49 14.41 1.98
N GLN C 237 -19.28 14.10 1.54
CA GLN C 237 -19.11 13.46 0.25
C GLN C 237 -19.48 12.03 0.52
N GLY C 238 -20.78 11.74 0.40
CA GLY C 238 -21.41 10.64 1.10
C GLY C 238 -20.95 9.21 0.87
N GLY C 239 -19.89 9.03 0.08
CA GLY C 239 -19.37 7.70 -0.22
C GLY C 239 -17.94 7.50 0.29
N PRO C 240 -17.52 6.24 0.53
CA PRO C 240 -16.21 6.00 1.13
C PRO C 240 -15.08 6.32 0.16
N GLY C 241 -15.37 6.29 -1.13
CA GLY C 241 -14.38 6.59 -2.14
C GLY C 241 -14.04 8.07 -2.10
N SER C 242 -15.08 8.92 -2.16
CA SER C 242 -14.86 10.37 -2.15
C SER C 242 -14.34 10.85 -0.79
N PHE C 243 -14.66 10.11 0.26
CA PHE C 243 -14.21 10.45 1.60
C PHE C 243 -12.68 10.65 1.68
N ILE C 244 -11.94 9.77 1.04
CA ILE C 244 -10.49 9.77 1.22
C ILE C 244 -9.83 11.10 0.76
N PRO C 245 -10.08 11.51 -0.49
CA PRO C 245 -9.47 12.78 -0.88
C PRO C 245 -9.98 13.96 -0.03
N ALA C 246 -11.28 13.96 0.27
CA ALA C 246 -11.89 15.04 1.07
C ALA C 246 -11.30 15.10 2.48
N PHE C 247 -11.02 13.94 3.06
CA PHE C 247 -10.41 13.83 4.38
C PHE C 247 -9.00 14.42 4.42
N LEU C 248 -8.17 14.01 3.45
CA LEU C 248 -6.83 14.58 3.36
C LEU C 248 -6.88 16.09 3.07
N ASP C 249 -7.76 16.50 2.16
CA ASP C 249 -7.93 17.92 1.89
C ASP C 249 -8.31 18.65 3.19
N ALA C 250 -9.24 18.08 3.95
CA ALA C 250 -9.71 18.73 5.17
C ALA C 250 -8.60 18.89 6.19
N LEU C 251 -7.78 17.86 6.32
CA LEU C 251 -6.64 17.94 7.24
C LEU C 251 -5.68 19.02 6.82
N TYR C 252 -5.50 19.16 5.51
CA TYR C 252 -4.64 20.19 4.96
C TYR C 252 -5.14 21.62 5.09
N GLN C 253 -6.46 21.82 4.97
CA GLN C 253 -7.05 23.16 4.84
C GLN C 253 -6.74 24.09 6.02
N GLU C 254 -6.45 25.35 5.68
CA GLU C 254 -5.99 26.42 6.60
C GLU C 254 -4.49 26.27 6.86
#